data_8E28
#
_entry.id   8E28
#
_cell.length_a   1.00
_cell.length_b   1.00
_cell.length_c   1.00
_cell.angle_alpha   90.00
_cell.angle_beta   90.00
_cell.angle_gamma   90.00
#
_symmetry.space_group_name_H-M   'P 1'
#
loop_
_entity.id
_entity.type
_entity.pdbx_description
1 polymer 'DIS3-like exonuclease 2'
2 polymer 'RNA hairpin A-GCU14'
#
loop_
_entity_poly.entity_id
_entity_poly.type
_entity_poly.pdbx_seq_one_letter_code
_entity_poly.pdbx_strand_id
1 'polypeptide(L)'
;MSHPDYRMNLRPLGTPRGVSAVAGPHDIGASPGDKKSKNRSTRGKKKSIFETYMSKEDVSEGLKRGTLIQGVLRINPKKF
HEAFIPSPDGDRDIFIDGVVARNRALNGDLVVVKLLPEEHWKVVKPESNDKETEAAYESDIPEELCGHHLPQQSLKSYND
SPDVIVEAQFDGSDSEDGHGITQNVLVDGVKKLSVCVSEKGREDGDAPVTKDETTCISQDTRALSEKSLQRSAKVVYILE
KKHSRAATGFLKLLADKNSELFRKYALFSPSDHRVPRIYVPLKDCPQDFVARPKDYANTLFICRIVDWKEDCNFALGQLA
KSLGQAGEIEPETEGILTEYGVDFSDFSSEVLECLPQGLPWTIPPEEFSKRRDLRKDCIFTIDPSTARDLNDALSCKPLA
DGNFKVGVHIADVSYFVPEGSDLDKVAAERATSVYLVQKVVPMLPRLLCEELCSLNPMSDKLTFSVIWTLTPEGKILDEW
FGRTIIRSCTKLSYEHAQSMIESPTEKIPAKELPPISPEHSSEEVHQAVLNLHGIAKQLRQQRFVDGALRLDQLKLAFTL
DHETGLPQGCHIYEYRESNKLVEEFMLLANMAVAHKIHRAFPEQALLRRHPPPQTRMLSDLVEFCDQMGLPVDFSSAGAL
NKSLTQTFGDDKYSLARKEVLTNMCSRPMQMALYFCSGLLQDPAQFRHYALNVPLYTHFTSPIRRFADVLVHRLLAAALG
YRERLDMAPDTLQKQADHCNDRRMASKRVQELSTSLFFAVLVKESGPLESEAMVMGILKQAFDVLVLRYGVQKRIYCNAL
ALRSHHFQKVGKKPELTLVWEPEDMEQEPAQQVITIFSLVEVVLQAESTALKYSAILK
;
A
2 'polyribonucleotide' GAGGCCUUUCGAGGCCUUGCUUUUUUUUUUUUUU C
#
# COMPACT_ATOMS: atom_id res chain seq x y z
N ILE A 49 26.45 -5.89 -28.06
CA ILE A 49 25.56 -5.71 -29.19
C ILE A 49 24.31 -6.57 -28.95
N PHE A 50 23.15 -5.93 -28.98
CA PHE A 50 21.88 -6.61 -28.76
C PHE A 50 21.31 -7.07 -30.10
N GLU A 51 20.07 -7.54 -30.09
CA GLU A 51 19.36 -7.98 -31.28
C GLU A 51 18.19 -7.05 -31.55
N THR A 52 17.96 -6.76 -32.83
CA THR A 52 16.90 -5.84 -33.22
C THR A 52 15.52 -6.46 -32.99
N TYR A 53 14.52 -5.60 -32.83
CA TYR A 53 13.16 -6.04 -32.61
C TYR A 53 12.56 -6.58 -33.91
N MET A 54 11.39 -7.20 -33.78
CA MET A 54 10.63 -7.70 -34.92
C MET A 54 9.39 -6.85 -35.12
N SER A 55 8.74 -7.07 -36.27
CA SER A 55 7.60 -6.24 -36.65
C SER A 55 6.37 -6.57 -35.81
N LYS A 56 5.46 -5.59 -35.72
CA LYS A 56 4.25 -5.72 -34.91
C LYS A 56 3.31 -6.78 -35.51
N GLU A 57 3.25 -6.86 -36.83
CA GLU A 57 2.44 -7.88 -37.50
C GLU A 57 2.97 -9.27 -37.22
N ASP A 58 4.29 -9.44 -37.20
CA ASP A 58 4.88 -10.73 -36.85
C ASP A 58 4.66 -11.05 -35.37
N VAL A 59 4.64 -10.03 -34.50
CA VAL A 59 4.33 -10.23 -33.09
C VAL A 59 2.90 -10.75 -32.92
N SER A 60 1.96 -10.12 -33.63
CA SER A 60 0.55 -10.55 -33.55
C SER A 60 0.36 -11.94 -34.13
N GLU A 61 1.03 -12.24 -35.26
CA GLU A 61 0.90 -13.55 -35.90
C GLU A 61 1.49 -14.65 -35.02
N GLY A 62 2.67 -14.43 -34.44
CA GLY A 62 3.27 -15.41 -33.57
C GLY A 62 2.60 -15.53 -32.21
N LEU A 63 1.90 -14.47 -31.77
CA LEU A 63 1.19 -14.53 -30.51
C LEU A 63 -0.15 -15.24 -30.66
N LYS A 64 -0.82 -15.07 -31.81
CA LYS A 64 -2.03 -15.84 -32.06
C LYS A 64 -1.72 -17.28 -32.43
N ARG A 65 -0.61 -17.53 -33.12
CA ARG A 65 -0.21 -18.90 -33.44
C ARG A 65 0.20 -19.63 -32.17
N GLY A 66 0.93 -18.96 -31.28
CA GLY A 66 1.30 -19.55 -30.01
C GLY A 66 2.79 -19.76 -29.80
N THR A 67 3.60 -19.17 -30.67
CA THR A 67 5.06 -19.30 -30.53
C THR A 67 5.66 -18.27 -29.58
N LEU A 68 4.92 -17.22 -29.23
CA LEU A 68 5.41 -16.15 -28.37
C LEU A 68 4.52 -16.02 -27.14
N ILE A 69 5.12 -15.65 -26.01
CA ILE A 69 4.41 -15.51 -24.74
C ILE A 69 4.64 -14.12 -24.21
N GLN A 70 3.55 -13.44 -23.83
CA GLN A 70 3.65 -12.11 -23.22
C GLN A 70 3.60 -12.22 -21.70
N GLY A 71 4.10 -11.18 -21.04
CA GLY A 71 4.07 -11.15 -19.60
C GLY A 71 4.84 -9.98 -19.05
N VAL A 72 4.68 -9.75 -17.75
CA VAL A 72 5.28 -8.61 -17.06
C VAL A 72 6.65 -9.02 -16.53
N LEU A 73 7.66 -8.23 -16.86
CA LEU A 73 9.03 -8.53 -16.44
C LEU A 73 9.23 -8.23 -14.96
N ARG A 74 9.92 -9.14 -14.27
CA ARG A 74 10.37 -8.94 -12.91
C ARG A 74 11.87 -9.19 -12.85
N ILE A 75 12.61 -8.27 -12.24
CA ILE A 75 14.06 -8.27 -12.27
C ILE A 75 14.55 -8.46 -10.85
N ASN A 76 15.44 -9.44 -10.65
CA ASN A 76 16.00 -9.72 -9.33
C ASN A 76 16.88 -8.58 -8.85
N PRO A 77 16.60 -7.98 -7.69
CA PRO A 77 17.45 -6.87 -7.23
C PRO A 77 18.80 -7.32 -6.70
N LYS A 78 18.89 -8.49 -6.08
CA LYS A 78 20.14 -8.94 -5.49
C LYS A 78 21.09 -9.55 -6.52
N LYS A 79 20.61 -9.86 -7.71
CA LYS A 79 21.46 -10.40 -8.78
C LYS A 79 20.82 -9.96 -10.11
N PHE A 80 21.36 -8.90 -10.71
CA PHE A 80 20.72 -8.26 -11.85
C PHE A 80 20.83 -9.06 -13.14
N HIS A 81 21.61 -10.14 -13.17
CA HIS A 81 21.83 -10.91 -14.39
C HIS A 81 20.66 -11.83 -14.75
N GLU A 82 19.64 -11.92 -13.91
CA GLU A 82 18.55 -12.87 -14.13
C GLU A 82 17.20 -12.16 -14.02
N ALA A 83 16.24 -12.60 -14.83
CA ALA A 83 14.91 -12.01 -14.85
C ALA A 83 13.87 -13.12 -14.99
N PHE A 84 12.63 -12.78 -14.65
CA PHE A 84 11.55 -13.75 -14.52
C PHE A 84 10.26 -13.15 -15.06
N ILE A 85 9.52 -13.94 -15.84
CA ILE A 85 8.14 -13.54 -16.13
C ILE A 85 7.21 -14.65 -15.64
N PRO A 86 5.98 -14.33 -15.23
CA PRO A 86 5.05 -15.39 -14.81
C PRO A 86 4.57 -16.21 -15.99
N SER A 87 4.41 -17.51 -15.75
CA SER A 87 3.90 -18.44 -16.75
C SER A 87 2.39 -18.30 -16.90
N PRO A 88 1.86 -18.47 -18.12
CA PRO A 88 0.40 -18.49 -18.28
C PRO A 88 -0.26 -19.70 -17.64
N ASP A 89 0.44 -20.84 -17.58
CA ASP A 89 -0.13 -22.03 -16.95
C ASP A 89 -0.17 -21.88 -15.44
N GLY A 90 1.01 -21.71 -14.82
CA GLY A 90 1.08 -21.52 -13.39
C GLY A 90 1.99 -22.53 -12.71
N ASP A 91 2.72 -23.32 -13.51
CA ASP A 91 3.57 -24.35 -12.94
C ASP A 91 4.87 -23.78 -12.39
N ARG A 92 5.61 -23.01 -13.20
CA ARG A 92 6.88 -22.44 -12.79
C ARG A 92 7.20 -21.25 -13.70
N ASP A 93 7.88 -20.25 -13.13
CA ASP A 93 8.14 -19.00 -13.83
C ASP A 93 9.16 -19.20 -14.95
N ILE A 94 9.16 -18.26 -15.89
CA ILE A 94 10.01 -18.32 -17.07
C ILE A 94 11.28 -17.52 -16.82
N PHE A 95 12.42 -18.19 -17.02
CA PHE A 95 13.76 -17.65 -16.82
C PHE A 95 14.25 -16.86 -18.02
N ILE A 96 14.92 -15.74 -17.77
CA ILE A 96 15.62 -14.96 -18.79
C ILE A 96 17.00 -14.66 -18.24
N ASP A 97 18.03 -15.24 -18.84
CA ASP A 97 19.39 -15.08 -18.36
C ASP A 97 20.12 -13.94 -19.05
N GLY A 98 21.10 -13.36 -18.35
CA GLY A 98 21.94 -12.34 -18.93
C GLY A 98 21.28 -10.98 -18.99
N VAL A 99 22.04 -10.02 -19.49
CA VAL A 99 21.58 -8.66 -19.69
C VAL A 99 21.28 -8.52 -21.18
N VAL A 100 22.02 -9.28 -21.99
CA VAL A 100 21.88 -9.23 -23.44
C VAL A 100 20.53 -9.80 -23.88
N ALA A 101 20.13 -10.94 -23.31
CA ALA A 101 18.85 -11.54 -23.67
C ALA A 101 17.66 -10.86 -23.01
N ARG A 102 17.90 -9.93 -22.08
CA ARG A 102 16.82 -9.10 -21.58
C ARG A 102 16.43 -8.04 -22.59
N ASN A 103 17.38 -7.62 -23.43
CA ASN A 103 17.16 -6.84 -24.65
C ASN A 103 16.50 -5.49 -24.37
N ARG A 104 17.19 -4.68 -23.56
CA ARG A 104 16.85 -3.28 -23.24
C ARG A 104 15.50 -3.14 -22.53
N ALA A 105 15.00 -4.21 -21.93
CA ALA A 105 13.75 -4.16 -21.19
C ALA A 105 14.03 -3.84 -19.73
N LEU A 106 13.19 -3.01 -19.14
CA LEU A 106 13.36 -2.57 -17.77
C LEU A 106 12.35 -3.27 -16.86
N ASN A 107 12.45 -2.99 -15.57
CA ASN A 107 11.62 -3.67 -14.57
C ASN A 107 10.21 -3.12 -14.61
N GLY A 108 9.22 -4.02 -14.68
CA GLY A 108 7.83 -3.65 -14.73
C GLY A 108 7.25 -3.55 -16.12
N ASP A 109 8.08 -3.56 -17.15
CA ASP A 109 7.60 -3.48 -18.52
C ASP A 109 6.94 -4.80 -18.93
N LEU A 110 5.92 -4.69 -19.79
CA LEU A 110 5.15 -5.84 -20.24
C LEU A 110 5.66 -6.23 -21.62
N VAL A 111 6.42 -7.32 -21.68
CA VAL A 111 7.18 -7.68 -22.86
C VAL A 111 6.61 -8.97 -23.47
N VAL A 112 7.10 -9.29 -24.66
CA VAL A 112 6.78 -10.50 -25.40
C VAL A 112 8.08 -11.23 -25.67
N VAL A 113 8.14 -12.51 -25.28
CA VAL A 113 9.35 -13.32 -25.32
C VAL A 113 9.09 -14.56 -26.17
N LYS A 114 10.20 -15.25 -26.51
CA LYS A 114 10.19 -16.50 -27.26
C LYS A 114 11.13 -17.48 -26.58
N LEU A 115 10.68 -18.72 -26.39
CA LEU A 115 11.45 -19.72 -25.68
C LEU A 115 12.56 -20.29 -26.55
N LEU A 116 13.76 -20.42 -25.99
CA LEU A 116 14.81 -21.17 -26.65
C LEU A 116 14.52 -22.67 -26.56
N PRO A 117 14.96 -23.45 -27.56
CA PRO A 117 14.80 -24.91 -27.47
C PRO A 117 15.69 -25.50 -26.38
N GLU A 118 15.21 -26.60 -25.80
CA GLU A 118 15.94 -27.27 -24.72
C GLU A 118 16.66 -28.52 -25.25
N GLN A 230 13.04 -25.52 -15.48
CA GLN A 230 12.83 -24.13 -15.86
C GLN A 230 13.05 -23.95 -17.36
N ARG A 231 12.24 -23.10 -17.98
CA ARG A 231 12.33 -22.84 -19.41
C ARG A 231 12.86 -21.43 -19.65
N SER A 232 13.79 -21.32 -20.59
CA SER A 232 14.56 -20.10 -20.82
C SER A 232 14.02 -19.39 -22.06
N ALA A 233 13.85 -18.07 -21.95
CA ALA A 233 13.34 -17.25 -23.03
C ALA A 233 14.16 -15.98 -23.14
N LYS A 234 14.00 -15.30 -24.27
CA LYS A 234 14.63 -14.00 -24.52
C LYS A 234 13.59 -13.01 -24.99
N VAL A 235 13.74 -11.76 -24.56
CA VAL A 235 12.76 -10.72 -24.90
C VAL A 235 12.93 -10.34 -26.37
N VAL A 236 11.84 -10.41 -27.13
CA VAL A 236 11.88 -10.04 -28.53
C VAL A 236 11.03 -8.82 -28.86
N TYR A 237 10.07 -8.44 -28.01
CA TYR A 237 9.33 -7.21 -28.28
C TYR A 237 8.82 -6.62 -26.96
N ILE A 238 8.52 -5.32 -26.99
CA ILE A 238 7.93 -4.62 -25.86
C ILE A 238 6.63 -3.97 -26.35
N LEU A 239 5.49 -4.41 -25.81
CA LEU A 239 4.23 -3.75 -26.14
C LEU A 239 4.06 -2.45 -25.35
N GLU A 240 4.06 -2.55 -24.02
CA GLU A 240 3.79 -1.41 -23.16
C GLU A 240 5.04 -1.10 -22.33
N LYS A 241 5.44 0.18 -22.32
CA LYS A 241 6.54 0.65 -21.50
C LYS A 241 5.96 1.18 -20.19
N LYS A 242 5.95 0.32 -19.16
CA LYS A 242 5.31 0.65 -17.90
C LYS A 242 6.26 1.30 -16.90
N HIS A 243 7.54 1.41 -17.22
CA HIS A 243 8.51 2.02 -16.32
C HIS A 243 8.57 3.53 -16.57
N SER A 244 8.90 4.29 -15.52
CA SER A 244 8.93 5.74 -15.60
C SER A 244 10.15 6.28 -16.34
N ARG A 245 11.15 5.44 -16.61
CA ARG A 245 12.38 5.78 -17.36
C ARG A 245 13.16 6.93 -16.73
N ALA A 246 13.14 7.02 -15.40
CA ALA A 246 13.89 8.04 -14.67
C ALA A 246 14.61 7.37 -13.51
N ALA A 247 15.70 8.00 -13.07
CA ALA A 247 16.47 7.44 -11.97
C ALA A 247 17.16 8.56 -11.20
N THR A 248 17.51 8.23 -9.96
CA THR A 248 18.31 9.11 -9.11
C THR A 248 19.66 8.44 -8.83
N GLY A 249 20.70 9.25 -8.71
CA GLY A 249 22.04 8.68 -8.55
C GLY A 249 23.18 9.68 -8.48
N PHE A 250 24.37 9.23 -8.89
CA PHE A 250 25.60 10.01 -8.73
C PHE A 250 26.32 10.16 -10.06
N LEU A 251 27.00 11.30 -10.21
CA LEU A 251 27.77 11.63 -11.40
C LEU A 251 29.26 11.40 -11.13
N LYS A 252 29.91 10.66 -12.02
CA LYS A 252 31.35 10.45 -11.99
C LYS A 252 31.92 10.71 -13.38
N LEU A 253 33.25 10.65 -13.47
CA LEU A 253 33.96 10.77 -14.73
C LEU A 253 34.41 9.39 -15.21
N LEU A 254 34.80 9.33 -16.49
CA LEU A 254 35.27 8.08 -17.07
C LEU A 254 36.67 7.76 -16.58
N LYS A 264 34.53 12.62 -23.64
CA LYS A 264 33.39 12.96 -24.49
C LYS A 264 32.09 12.89 -23.70
N TYR A 265 32.09 12.12 -22.62
CA TYR A 265 30.88 11.84 -21.86
C TYR A 265 31.17 11.97 -20.37
N ALA A 266 30.19 11.59 -19.56
CA ALA A 266 30.35 11.47 -18.13
C ALA A 266 29.42 10.34 -17.67
N LEU A 267 29.79 9.68 -16.59
CA LEU A 267 29.10 8.48 -16.16
C LEU A 267 28.09 8.81 -15.07
N PHE A 268 26.92 8.17 -15.15
CA PHE A 268 25.87 8.30 -14.16
C PHE A 268 25.52 6.93 -13.62
N SER A 269 25.60 6.78 -12.31
CA SER A 269 25.32 5.51 -11.64
C SER A 269 24.09 5.67 -10.77
N PRO A 270 22.99 4.99 -11.06
CA PRO A 270 21.82 5.08 -10.21
C PRO A 270 21.98 4.27 -8.94
N SER A 271 21.19 4.64 -7.92
CA SER A 271 21.17 3.88 -6.68
C SER A 271 20.51 2.53 -6.86
N ASP A 272 19.51 2.47 -7.72
CA ASP A 272 18.81 1.22 -8.02
C ASP A 272 19.76 0.36 -8.83
N HIS A 273 19.83 -0.93 -8.50
CA HIS A 273 20.73 -1.83 -9.20
C HIS A 273 20.09 -2.51 -10.40
N ARG A 274 18.80 -2.27 -10.66
CA ARG A 274 18.14 -2.81 -11.84
C ARG A 274 18.24 -1.87 -13.03
N VAL A 275 18.25 -0.57 -12.77
CA VAL A 275 18.44 0.44 -13.83
C VAL A 275 19.89 0.39 -14.30
N PRO A 276 20.15 0.42 -15.61
CA PRO A 276 21.53 0.38 -16.10
C PRO A 276 22.31 1.67 -15.89
N ARG A 277 23.54 1.71 -16.38
CA ARG A 277 24.45 2.83 -16.15
C ARG A 277 24.40 3.75 -17.36
N ILE A 278 24.42 5.05 -17.11
CA ILE A 278 23.96 6.04 -18.09
C ILE A 278 25.11 6.95 -18.51
N TYR A 279 25.20 7.23 -19.81
CA TYR A 279 26.09 8.26 -20.34
C TYR A 279 25.36 9.59 -20.43
N VAL A 280 25.97 10.63 -19.89
CA VAL A 280 25.45 11.99 -19.96
C VAL A 280 26.50 12.86 -20.63
N PRO A 281 26.15 13.63 -21.66
CA PRO A 281 27.10 14.60 -22.21
C PRO A 281 27.40 15.72 -21.23
N LEU A 282 28.57 16.33 -21.38
CA LEU A 282 29.01 17.37 -20.45
C LEU A 282 28.39 18.73 -20.74
N LYS A 283 27.54 18.85 -21.75
CA LYS A 283 26.73 20.05 -21.90
C LYS A 283 25.65 20.11 -20.82
N ASP A 284 25.15 18.94 -20.40
CA ASP A 284 24.14 18.88 -19.34
C ASP A 284 24.74 19.12 -17.96
N CYS A 285 25.99 18.72 -17.75
CA CYS A 285 26.63 18.88 -16.46
C CYS A 285 26.89 20.37 -16.17
N PRO A 286 26.92 20.77 -14.89
CA PRO A 286 27.12 22.17 -14.55
C PRO A 286 28.52 22.67 -14.90
N GLN A 287 28.66 24.00 -14.81
CA GLN A 287 29.81 24.71 -15.35
C GLN A 287 31.09 24.50 -14.57
N ASP A 288 31.04 23.96 -13.35
CA ASP A 288 32.24 23.76 -12.55
C ASP A 288 32.40 22.31 -12.13
N PHE A 289 31.86 21.37 -12.91
CA PHE A 289 31.97 19.95 -12.60
C PHE A 289 33.20 19.32 -13.23
N VAL A 290 33.61 19.78 -14.41
CA VAL A 290 34.72 19.16 -15.14
C VAL A 290 36.04 19.41 -14.40
N ALA A 291 36.20 20.59 -13.82
CA ALA A 291 37.34 20.90 -12.97
C ALA A 291 36.93 20.80 -11.51
N ARG A 292 37.77 20.14 -10.70
CA ARG A 292 37.57 19.85 -9.28
C ARG A 292 36.24 19.12 -9.03
N PRO A 293 36.14 17.84 -9.38
CA PRO A 293 34.88 17.11 -9.17
C PRO A 293 34.75 16.41 -7.83
N LYS A 294 35.60 16.75 -6.85
CA LYS A 294 35.58 16.04 -5.57
C LYS A 294 34.36 16.40 -4.74
N ASP A 295 33.83 17.61 -4.89
CA ASP A 295 32.65 18.03 -4.13
C ASP A 295 31.35 17.48 -4.69
N TYR A 296 31.38 16.86 -5.87
CA TYR A 296 30.19 16.30 -6.51
C TYR A 296 30.16 14.78 -6.39
N ALA A 297 30.63 14.26 -5.24
CA ALA A 297 30.58 12.84 -4.96
C ALA A 297 29.48 12.48 -3.96
N ASN A 298 28.87 13.47 -3.31
CA ASN A 298 27.74 13.24 -2.42
C ASN A 298 26.55 14.10 -2.83
N THR A 299 26.42 14.36 -4.13
CA THR A 299 25.33 15.16 -4.67
C THR A 299 24.41 14.26 -5.48
N LEU A 300 23.11 14.33 -5.19
CA LEU A 300 22.13 13.48 -5.85
C LEU A 300 21.64 14.15 -7.12
N PHE A 301 21.57 13.38 -8.20
CA PHE A 301 21.09 13.88 -9.48
C PHE A 301 19.90 13.04 -9.95
N ILE A 302 19.02 13.69 -10.71
CA ILE A 302 17.91 13.03 -11.39
C ILE A 302 18.24 13.00 -12.87
N CYS A 303 18.25 11.80 -13.46
CA CYS A 303 18.54 11.65 -14.87
C CYS A 303 17.47 10.80 -15.54
N ARG A 304 17.08 11.19 -16.75
CA ARG A 304 16.01 10.53 -17.49
C ARG A 304 16.57 9.87 -18.74
N ILE A 305 16.26 8.59 -18.92
CA ILE A 305 16.68 7.87 -20.11
C ILE A 305 15.80 8.27 -21.29
N VAL A 306 16.43 8.61 -22.41
CA VAL A 306 15.70 8.99 -23.62
C VAL A 306 15.95 8.06 -24.80
N ASP A 307 17.05 7.31 -24.82
CA ASP A 307 17.45 6.54 -26.00
C ASP A 307 18.52 5.54 -25.60
N TRP A 308 18.42 4.32 -26.13
CA TRP A 308 19.39 3.26 -25.88
C TRP A 308 19.71 2.60 -27.21
N LYS A 309 20.97 2.64 -27.62
CA LYS A 309 21.38 2.07 -28.89
C LYS A 309 21.40 0.54 -28.84
N GLU A 310 21.48 -0.07 -30.02
CA GLU A 310 21.59 -1.52 -30.14
C GLU A 310 23.03 -2.01 -30.01
N ASP A 311 24.01 -1.10 -29.97
CA ASP A 311 25.41 -1.48 -29.93
C ASP A 311 26.14 -0.89 -28.73
N CYS A 312 25.42 -0.24 -27.81
CA CYS A 312 26.03 0.37 -26.64
C CYS A 312 25.59 -0.38 -25.39
N ASN A 313 26.54 -0.64 -24.50
CA ASN A 313 26.23 -1.25 -23.21
C ASN A 313 25.67 -0.26 -22.20
N PHE A 314 25.66 1.03 -22.53
CA PHE A 314 25.20 2.08 -21.62
C PHE A 314 24.09 2.86 -22.31
N ALA A 315 23.04 3.17 -21.55
CA ALA A 315 21.98 4.02 -22.06
C ALA A 315 22.46 5.46 -22.17
N LEU A 316 21.72 6.27 -22.92
CA LEU A 316 21.98 7.70 -23.05
C LEU A 316 20.90 8.46 -22.30
N GLY A 317 21.31 9.43 -21.48
CA GLY A 317 20.36 10.10 -20.62
C GLY A 317 20.54 11.62 -20.63
N GLN A 318 19.51 12.29 -20.13
CA GLN A 318 19.51 13.74 -19.96
C GLN A 318 19.44 14.05 -18.47
N LEU A 319 20.32 14.96 -18.03
CA LEU A 319 20.36 15.37 -16.63
C LEU A 319 19.25 16.39 -16.38
N ALA A 320 18.39 16.11 -15.41
CA ALA A 320 17.25 16.99 -15.14
C ALA A 320 17.68 18.18 -14.26
N LYS A 321 18.12 17.90 -13.05
CA LYS A 321 18.45 18.93 -12.07
C LYS A 321 19.36 18.35 -11.01
N SER A 322 19.73 19.18 -10.04
CA SER A 322 20.48 18.75 -8.87
C SER A 322 19.53 18.67 -7.67
N LEU A 323 19.52 17.52 -7.01
CA LEU A 323 18.55 17.28 -5.94
C LEU A 323 18.98 17.97 -4.65
N GLY A 324 20.22 17.77 -4.23
CA GLY A 324 20.71 18.29 -2.99
C GLY A 324 21.79 17.39 -2.43
N GLN A 325 21.99 17.47 -1.12
CA GLN A 325 22.98 16.65 -0.44
C GLN A 325 22.42 15.26 -0.18
N ALA A 326 23.22 14.24 -0.48
CA ALA A 326 22.80 12.86 -0.26
C ALA A 326 22.78 12.54 1.23
N GLY A 327 21.73 11.85 1.66
CA GLY A 327 21.56 11.51 3.06
C GLY A 327 20.60 12.40 3.82
N GLU A 328 20.03 13.42 3.18
CA GLU A 328 19.09 14.32 3.84
C GLU A 328 17.68 13.74 3.72
N ILE A 329 16.68 14.53 4.10
CA ILE A 329 15.29 14.08 4.08
C ILE A 329 14.58 14.54 2.82
N GLU A 330 14.67 15.83 2.48
CA GLU A 330 13.91 16.37 1.35
C GLU A 330 14.51 16.04 -0.02
N PRO A 331 15.84 16.07 -0.26
CA PRO A 331 16.34 15.55 -1.55
C PRO A 331 16.01 14.09 -1.81
N GLU A 332 16.13 13.23 -0.80
CA GLU A 332 15.80 11.82 -0.99
C GLU A 332 14.30 11.60 -1.14
N THR A 333 13.49 12.40 -0.42
CA THR A 333 12.04 12.32 -0.54
C THR A 333 11.57 12.71 -1.94
N GLU A 334 12.12 13.82 -2.47
CA GLU A 334 11.69 14.25 -3.80
C GLU A 334 12.29 13.35 -4.88
N GLY A 335 13.47 12.75 -4.62
CA GLY A 335 14.01 11.77 -5.56
C GLY A 335 13.19 10.51 -5.65
N ILE A 336 12.75 9.96 -4.51
CA ILE A 336 11.92 8.76 -4.57
C ILE A 336 10.49 9.09 -4.98
N LEU A 337 10.05 10.34 -4.86
CA LEU A 337 8.78 10.73 -5.45
C LEU A 337 8.88 10.79 -6.97
N THR A 338 10.00 11.33 -7.49
CA THR A 338 10.16 11.49 -8.93
C THR A 338 10.46 10.17 -9.62
N GLU A 339 11.13 9.24 -8.93
CA GLU A 339 11.54 7.99 -9.57
C GLU A 339 10.38 7.06 -9.86
N TYR A 340 9.27 7.17 -9.14
CA TYR A 340 8.11 6.30 -9.36
C TYR A 340 7.02 6.93 -10.20
N GLY A 341 7.13 8.21 -10.53
CA GLY A 341 6.16 8.85 -11.40
C GLY A 341 5.06 9.61 -10.71
N VAL A 342 5.18 9.87 -9.41
CA VAL A 342 4.14 10.59 -8.68
C VAL A 342 4.26 12.07 -9.04
N ASP A 343 3.20 12.61 -9.65
CA ASP A 343 3.16 14.01 -10.02
C ASP A 343 2.89 14.83 -8.78
N PHE A 344 3.93 15.47 -8.26
CA PHE A 344 3.81 16.27 -7.04
C PHE A 344 3.86 17.76 -7.32
N SER A 345 3.63 18.16 -8.56
CA SER A 345 3.68 19.56 -8.96
C SER A 345 2.37 20.27 -8.57
N ASP A 346 2.19 21.48 -9.05
CA ASP A 346 1.02 22.28 -8.72
C ASP A 346 0.02 22.26 -9.87
N PHE A 347 -1.22 22.60 -9.55
CA PHE A 347 -2.30 22.57 -10.53
C PHE A 347 -2.28 23.84 -11.37
N SER A 348 -2.53 23.67 -12.67
CA SER A 348 -2.56 24.79 -13.59
C SER A 348 -3.85 25.60 -13.41
N SER A 349 -3.88 26.79 -14.01
CA SER A 349 -5.03 27.68 -13.88
C SER A 349 -6.25 27.15 -14.63
N GLU A 350 -6.05 26.31 -15.64
CA GLU A 350 -7.16 25.66 -16.33
C GLU A 350 -7.81 24.56 -15.49
N VAL A 351 -7.20 24.18 -14.37
CA VAL A 351 -7.80 23.27 -13.41
C VAL A 351 -8.54 24.02 -12.32
N LEU A 352 -7.94 25.10 -11.80
CA LEU A 352 -8.61 25.95 -10.82
C LEU A 352 -9.73 26.79 -11.42
N GLU A 353 -9.81 26.90 -12.74
CA GLU A 353 -10.92 27.61 -13.35
C GLU A 353 -12.20 26.78 -13.40
N CYS A 354 -12.11 25.47 -13.18
CA CYS A 354 -13.29 24.61 -13.08
C CYS A 354 -13.84 24.55 -11.66
N LEU A 355 -13.14 25.13 -10.69
CA LEU A 355 -13.62 25.17 -9.32
C LEU A 355 -14.81 26.12 -9.21
N PRO A 356 -15.67 25.92 -8.21
CA PRO A 356 -16.73 26.90 -7.95
C PRO A 356 -16.16 28.24 -7.52
N GLN A 357 -16.83 29.31 -7.93
CA GLN A 357 -16.37 30.67 -7.70
C GLN A 357 -17.21 31.33 -6.60
N GLY A 358 -16.58 32.23 -5.86
CA GLY A 358 -17.19 32.84 -4.71
C GLY A 358 -16.64 32.23 -3.43
N LEU A 359 -15.85 33.01 -2.68
CA LEU A 359 -15.23 32.59 -1.43
C LEU A 359 -16.27 32.18 -0.37
N PRO A 360 -17.36 32.97 -0.07
CA PRO A 360 -18.39 32.40 0.81
C PRO A 360 -19.37 31.52 0.05
N TRP A 361 -18.96 30.29 -0.25
CA TRP A 361 -19.81 29.36 -0.98
C TRP A 361 -20.99 28.90 -0.13
N THR A 362 -22.14 28.78 -0.77
CA THR A 362 -23.36 28.33 -0.11
C THR A 362 -24.09 27.35 -1.01
N ILE A 363 -24.97 26.58 -0.39
CA ILE A 363 -25.67 25.50 -1.10
C ILE A 363 -26.74 26.11 -1.99
N PRO A 364 -26.82 25.74 -3.28
CA PRO A 364 -27.84 26.31 -4.15
C PRO A 364 -29.24 25.89 -3.73
N PRO A 365 -30.24 26.76 -3.93
CA PRO A 365 -31.56 26.49 -3.34
C PRO A 365 -32.39 25.44 -4.06
N GLU A 366 -31.98 24.99 -5.24
CA GLU A 366 -32.72 23.95 -5.94
C GLU A 366 -32.40 22.55 -5.43
N GLU A 367 -31.42 22.42 -4.53
CA GLU A 367 -31.01 21.12 -4.00
C GLU A 367 -31.66 20.81 -2.66
N PHE A 368 -32.65 21.59 -2.23
CA PHE A 368 -33.41 21.29 -1.03
C PHE A 368 -34.64 20.43 -1.31
N SER A 369 -34.80 19.97 -2.55
CA SER A 369 -35.93 19.15 -2.95
C SER A 369 -35.54 17.79 -3.52
N LYS A 370 -34.40 17.70 -4.20
CA LYS A 370 -33.94 16.44 -4.77
C LYS A 370 -33.14 15.60 -3.79
N ARG A 371 -32.82 16.13 -2.61
CA ARG A 371 -32.05 15.43 -1.59
C ARG A 371 -32.83 15.43 -0.29
N ARG A 372 -32.59 14.42 0.54
CA ARG A 372 -33.25 14.31 1.84
C ARG A 372 -32.46 15.09 2.88
N ASP A 373 -33.17 15.86 3.70
CA ASP A 373 -32.53 16.79 4.64
C ASP A 373 -32.45 16.09 6.00
N LEU A 374 -31.23 15.80 6.44
CA LEU A 374 -30.97 15.19 7.74
C LEU A 374 -30.12 16.12 8.62
N ARG A 375 -30.49 17.39 8.68
CA ARG A 375 -29.74 18.35 9.48
C ARG A 375 -30.00 18.18 10.98
N LYS A 376 -31.10 17.55 11.36
CA LYS A 376 -31.49 17.42 12.76
C LYS A 376 -30.98 16.15 13.41
N ASP A 377 -30.33 15.27 12.64
CA ASP A 377 -29.80 14.03 13.18
C ASP A 377 -28.50 14.28 13.94
N CYS A 378 -28.06 13.27 14.68
CA CYS A 378 -26.79 13.29 15.38
C CYS A 378 -25.76 12.59 14.49
N ILE A 379 -24.85 13.38 13.92
CA ILE A 379 -23.96 12.95 12.86
C ILE A 379 -22.54 13.16 13.33
N PHE A 380 -21.69 12.13 13.24
CA PHE A 380 -20.31 12.35 13.67
C PHE A 380 -19.33 11.57 12.80
N THR A 381 -18.09 12.03 12.81
CA THR A 381 -16.98 11.39 12.10
C THR A 381 -15.93 10.97 13.11
N ILE A 382 -15.30 9.82 12.86
CA ILE A 382 -14.22 9.30 13.69
C ILE A 382 -13.02 9.11 12.78
N ASP A 383 -11.97 9.89 13.01
CA ASP A 383 -10.83 9.99 12.11
C ASP A 383 -9.60 10.29 12.95
N PRO A 384 -8.40 10.07 12.41
CA PRO A 384 -7.18 10.44 13.15
C PRO A 384 -7.07 11.94 13.38
N SER A 385 -6.27 12.30 14.38
CA SER A 385 -6.13 13.70 14.78
C SER A 385 -5.36 14.51 13.75
N THR A 386 -4.39 13.90 13.07
CA THR A 386 -3.65 14.58 12.01
C THR A 386 -4.28 14.27 10.66
N ALA A 387 -5.50 14.77 10.49
CA ALA A 387 -6.26 14.58 9.27
C ALA A 387 -7.03 15.85 8.95
N ARG A 388 -6.96 16.30 7.70
CA ARG A 388 -7.66 17.50 7.26
C ARG A 388 -8.80 17.21 6.29
N ASP A 389 -8.74 16.10 5.55
CA ASP A 389 -9.82 15.69 4.66
C ASP A 389 -10.60 14.57 5.32
N LEU A 390 -11.92 14.68 5.29
CA LEU A 390 -12.82 13.71 5.91
C LEU A 390 -13.76 13.18 4.85
N ASN A 391 -13.73 11.87 4.62
CA ASN A 391 -14.54 11.27 3.56
C ASN A 391 -15.80 10.53 3.97
N ASP A 392 -16.10 10.45 5.26
CA ASP A 392 -17.28 9.69 5.64
C ASP A 392 -17.76 10.09 7.03
N ALA A 393 -19.03 9.82 7.28
CA ALA A 393 -19.66 10.12 8.56
C ALA A 393 -20.65 9.02 8.91
N LEU A 394 -20.97 8.91 10.20
CA LEU A 394 -21.78 7.84 10.75
C LEU A 394 -22.87 8.40 11.63
N SER A 395 -23.98 7.66 11.70
CA SER A 395 -25.05 7.96 12.65
C SER A 395 -25.75 6.69 13.07
N CYS A 396 -26.20 6.66 14.31
CA CYS A 396 -26.99 5.55 14.85
C CYS A 396 -28.13 6.10 15.69
N LYS A 397 -29.30 5.47 15.56
CA LYS A 397 -30.48 5.88 16.32
C LYS A 397 -31.19 4.65 16.86
N PRO A 398 -31.52 4.62 18.15
CA PRO A 398 -32.24 3.46 18.70
C PRO A 398 -33.73 3.55 18.40
N LEU A 399 -34.30 2.46 17.88
CA LEU A 399 -35.71 2.41 17.55
C LEU A 399 -36.53 2.03 18.79
N ALA A 400 -37.85 1.96 18.61
CA ALA A 400 -38.76 1.65 19.71
C ALA A 400 -39.08 0.16 19.83
N ASP A 401 -38.56 -0.68 18.93
CA ASP A 401 -38.84 -2.11 18.96
C ASP A 401 -37.57 -2.94 19.16
N GLY A 402 -36.51 -2.33 19.67
CA GLY A 402 -35.27 -3.05 19.89
C GLY A 402 -34.35 -3.13 18.69
N ASN A 403 -34.56 -2.32 17.67
CA ASN A 403 -33.73 -2.29 16.47
C ASN A 403 -32.96 -0.98 16.42
N PHE A 404 -32.11 -0.85 15.40
CA PHE A 404 -31.27 0.33 15.25
C PHE A 404 -31.34 0.84 13.82
N LYS A 405 -31.35 2.16 13.67
CA LYS A 405 -31.27 2.81 12.36
C LYS A 405 -29.85 3.34 12.20
N VAL A 406 -29.09 2.77 11.27
CA VAL A 406 -27.68 3.08 11.10
C VAL A 406 -27.47 3.68 9.72
N GLY A 407 -26.82 4.85 9.68
CA GLY A 407 -26.60 5.55 8.42
C GLY A 407 -25.13 5.83 8.19
N VAL A 408 -24.70 5.63 6.94
CA VAL A 408 -23.33 5.86 6.50
C VAL A 408 -23.38 6.88 5.37
N HIS A 409 -22.65 7.98 5.53
CA HIS A 409 -22.77 9.14 4.66
C HIS A 409 -21.41 9.43 4.03
N ILE A 410 -21.37 9.54 2.71
CA ILE A 410 -20.13 9.70 1.95
C ILE A 410 -20.17 11.05 1.26
N ALA A 411 -19.03 11.75 1.23
CA ALA A 411 -18.97 13.08 0.64
C ALA A 411 -19.24 13.03 -0.87
N ASP A 412 -20.09 13.93 -1.35
CA ASP A 412 -20.53 13.93 -2.74
C ASP A 412 -19.51 14.68 -3.58
N VAL A 413 -18.52 13.95 -4.09
CA VAL A 413 -17.45 14.55 -4.87
C VAL A 413 -17.87 14.72 -6.33
N SER A 414 -18.66 13.78 -6.86
CA SER A 414 -19.04 13.79 -8.27
C SER A 414 -19.96 14.94 -8.65
N TYR A 415 -20.57 15.62 -7.67
CA TYR A 415 -21.27 16.87 -7.95
C TYR A 415 -20.32 17.99 -8.31
N PHE A 416 -19.12 17.99 -7.72
CA PHE A 416 -18.13 19.03 -7.99
C PHE A 416 -17.15 18.67 -9.10
N VAL A 417 -17.17 17.43 -9.57
CA VAL A 417 -16.27 17.01 -10.66
C VAL A 417 -17.15 16.58 -11.83
N PRO A 418 -17.39 17.45 -12.79
CA PRO A 418 -18.14 17.05 -13.98
C PRO A 418 -17.29 16.22 -14.93
N GLU A 419 -17.97 15.46 -15.78
CA GLU A 419 -17.30 14.63 -16.76
C GLU A 419 -16.84 15.47 -17.96
N GLY A 420 -15.63 15.21 -18.43
CA GLY A 420 -15.09 15.87 -19.59
C GLY A 420 -14.27 17.12 -19.30
N SER A 421 -14.41 17.69 -18.10
CA SER A 421 -13.60 18.84 -17.74
C SER A 421 -12.16 18.43 -17.47
N ASP A 422 -11.26 19.41 -17.49
CA ASP A 422 -9.83 19.14 -17.28
C ASP A 422 -9.53 18.74 -15.85
N LEU A 423 -10.37 19.13 -14.89
CA LEU A 423 -10.24 18.65 -13.52
C LEU A 423 -10.43 17.14 -13.44
N ASP A 424 -11.40 16.62 -14.20
CA ASP A 424 -11.65 15.19 -14.23
C ASP A 424 -10.48 14.46 -14.89
N LYS A 425 -9.89 15.04 -15.93
CA LYS A 425 -8.74 14.42 -16.59
C LYS A 425 -7.52 14.40 -15.67
N VAL A 426 -7.31 15.48 -14.91
CA VAL A 426 -6.20 15.52 -13.96
C VAL A 426 -6.39 14.51 -12.83
N ALA A 427 -7.62 14.44 -12.28
CA ALA A 427 -7.92 13.48 -11.24
C ALA A 427 -7.85 12.04 -11.74
N ALA A 428 -8.15 11.81 -13.01
CA ALA A 428 -7.96 10.47 -13.57
C ALA A 428 -6.50 10.19 -13.85
N GLU A 429 -5.70 11.22 -14.10
CA GLU A 429 -4.27 11.02 -14.36
C GLU A 429 -3.52 10.66 -13.09
N ARG A 430 -3.66 11.47 -12.04
CA ARG A 430 -3.16 11.10 -10.72
C ARG A 430 -4.29 10.40 -9.98
N ALA A 431 -4.32 9.06 -10.07
CA ALA A 431 -5.48 8.28 -9.71
C ALA A 431 -5.70 8.16 -8.20
N THR A 432 -4.74 8.56 -7.38
CA THR A 432 -4.86 8.45 -5.94
C THR A 432 -3.94 9.47 -5.28
N SER A 433 -4.15 9.69 -3.99
CA SER A 433 -3.30 10.56 -3.20
C SER A 433 -2.25 9.72 -2.49
N VAL A 434 -1.07 10.31 -2.30
CA VAL A 434 0.06 9.62 -1.69
C VAL A 434 0.31 10.23 -0.31
N TYR A 435 0.33 9.39 0.71
CA TYR A 435 0.55 9.84 2.09
C TYR A 435 1.94 9.45 2.54
N LEU A 436 2.69 10.42 3.04
CA LEU A 436 4.05 10.22 3.50
C LEU A 436 4.12 10.53 4.99
N VAL A 437 5.34 10.49 5.53
CA VAL A 437 5.54 10.74 6.96
C VAL A 437 5.33 12.21 7.27
N GLN A 438 5.81 13.10 6.39
CA GLN A 438 5.81 14.53 6.69
C GLN A 438 4.79 15.34 5.90
N LYS A 439 4.30 14.84 4.76
CA LYS A 439 3.35 15.59 3.94
C LYS A 439 2.54 14.63 3.10
N VAL A 440 1.67 15.20 2.26
CA VAL A 440 0.74 14.43 1.45
C VAL A 440 0.67 15.05 0.05
N VAL A 441 0.67 14.21 -0.97
CA VAL A 441 0.45 14.63 -2.35
C VAL A 441 -1.02 14.35 -2.69
N PRO A 442 -1.85 15.37 -2.86
CA PRO A 442 -3.30 15.15 -2.98
C PRO A 442 -3.68 14.72 -4.39
N MET A 443 -4.98 14.47 -4.56
CA MET A 443 -5.57 14.15 -5.86
C MET A 443 -6.32 15.34 -6.45
N LEU A 444 -6.96 16.13 -5.62
CA LEU A 444 -7.78 17.27 -5.99
C LEU A 444 -7.13 18.56 -5.54
N PRO A 445 -7.59 19.72 -6.03
CA PRO A 445 -7.17 20.99 -5.44
C PRO A 445 -7.59 21.12 -3.98
N ARG A 446 -6.89 22.01 -3.26
CA ARG A 446 -7.00 22.10 -1.81
C ARG A 446 -8.39 22.59 -1.38
N LEU A 447 -9.07 23.36 -2.23
CA LEU A 447 -10.43 23.79 -1.91
C LEU A 447 -11.39 22.61 -1.84
N LEU A 448 -11.42 21.78 -2.89
CA LEU A 448 -12.27 20.60 -2.90
C LEU A 448 -11.81 19.58 -1.87
N CYS A 449 -10.50 19.46 -1.66
CA CYS A 449 -9.98 18.45 -0.75
C CYS A 449 -10.19 18.82 0.70
N GLU A 450 -10.31 20.11 1.03
CA GLU A 450 -10.29 20.51 2.43
C GLU A 450 -11.49 21.32 2.91
N GLU A 451 -12.21 22.02 2.04
CA GLU A 451 -13.30 22.87 2.48
C GLU A 451 -14.66 22.43 1.95
N LEU A 452 -14.79 22.28 0.64
CA LEU A 452 -16.10 22.04 0.03
C LEU A 452 -16.61 20.63 0.27
N CYS A 453 -15.75 19.63 0.10
CA CYS A 453 -16.17 18.24 0.21
C CYS A 453 -15.86 17.59 1.55
N SER A 454 -14.78 18.01 2.22
CA SER A 454 -14.37 17.39 3.47
C SER A 454 -15.34 17.77 4.58
N LEU A 455 -15.96 16.76 5.19
CA LEU A 455 -17.10 16.97 6.10
C LEU A 455 -16.67 17.53 7.45
N ASN A 456 -16.25 18.79 7.47
CA ASN A 456 -15.88 19.45 8.71
C ASN A 456 -17.13 19.71 9.55
N PRO A 457 -17.00 19.69 10.88
CA PRO A 457 -18.17 19.91 11.74
C PRO A 457 -18.70 21.34 11.66
N MET A 458 -19.99 21.47 11.99
CA MET A 458 -20.75 22.73 12.00
C MET A 458 -20.75 23.39 10.62
N SER A 459 -21.16 22.63 9.61
CA SER A 459 -21.31 23.13 8.25
C SER A 459 -22.23 22.19 7.49
N ASP A 460 -23.08 22.76 6.63
CA ASP A 460 -24.02 21.98 5.85
C ASP A 460 -23.32 21.40 4.62
N LYS A 461 -23.45 20.09 4.42
CA LYS A 461 -22.75 19.40 3.34
C LYS A 461 -23.70 18.48 2.56
N LEU A 462 -23.40 18.32 1.27
CA LEU A 462 -24.12 17.39 0.41
C LEU A 462 -23.42 16.03 0.46
N THR A 463 -24.15 15.00 0.87
CA THR A 463 -23.62 13.65 0.94
C THR A 463 -24.47 12.69 0.12
N PHE A 464 -23.95 11.48 -0.02
CA PHE A 464 -24.61 10.39 -0.72
C PHE A 464 -24.54 9.22 0.26
N SER A 465 -25.68 8.63 0.60
CA SER A 465 -25.78 7.87 1.83
C SER A 465 -26.45 6.51 1.61
N VAL A 466 -26.14 5.60 2.53
CA VAL A 466 -26.79 4.30 2.66
C VAL A 466 -27.30 4.18 4.09
N ILE A 467 -28.58 3.85 4.25
CA ILE A 467 -29.21 3.76 5.55
C ILE A 467 -29.85 2.38 5.69
N TRP A 468 -29.52 1.69 6.79
CA TRP A 468 -30.08 0.39 7.10
C TRP A 468 -30.87 0.44 8.41
N THR A 469 -31.76 -0.54 8.55
CA THR A 469 -32.38 -0.88 9.83
C THR A 469 -31.87 -2.26 10.23
N LEU A 470 -31.13 -2.33 11.33
CA LEU A 470 -30.43 -3.54 11.72
C LEU A 470 -30.87 -4.05 13.09
N THR A 471 -30.85 -5.37 13.22
CA THR A 471 -31.00 -6.05 14.49
C THR A 471 -29.74 -5.83 15.34
N PRO A 472 -29.81 -6.07 16.65
CA PRO A 472 -28.58 -5.98 17.48
C PRO A 472 -27.48 -6.97 17.11
N GLU A 473 -27.80 -8.07 16.42
CA GLU A 473 -26.77 -8.93 15.87
C GLU A 473 -26.24 -8.45 14.53
N GLY A 474 -26.82 -7.39 13.96
CA GLY A 474 -26.34 -6.82 12.72
C GLY A 474 -26.86 -7.52 11.47
N LYS A 475 -28.18 -7.66 11.36
CA LYS A 475 -28.82 -8.28 10.22
C LYS A 475 -29.68 -7.25 9.50
N ILE A 476 -29.62 -7.26 8.16
CA ILE A 476 -30.27 -6.23 7.36
C ILE A 476 -31.74 -6.55 7.23
N LEU A 477 -32.60 -5.60 7.63
CA LEU A 477 -34.03 -5.69 7.39
C LEU A 477 -34.57 -4.61 6.46
N ASP A 478 -33.83 -3.52 6.24
CA ASP A 478 -34.23 -2.47 5.33
C ASP A 478 -32.98 -1.83 4.76
N GLU A 479 -33.12 -1.20 3.59
CA GLU A 479 -32.01 -0.61 2.89
C GLU A 479 -32.51 0.57 2.08
N TRP A 480 -31.81 1.71 2.15
CA TRP A 480 -32.18 2.85 1.33
C TRP A 480 -30.92 3.60 0.93
N PHE A 481 -30.71 3.77 -0.36
CA PHE A 481 -29.67 4.61 -0.92
C PHE A 481 -30.26 5.97 -1.28
N GLY A 482 -29.42 6.99 -1.26
CA GLY A 482 -29.89 8.28 -1.74
C GLY A 482 -29.06 9.48 -1.34
N ARG A 483 -29.29 10.59 -2.03
CA ARG A 483 -28.55 11.81 -1.78
C ARG A 483 -29.20 12.63 -0.68
N THR A 484 -28.38 13.10 0.27
CA THR A 484 -28.84 13.74 1.48
C THR A 484 -28.02 15.00 1.75
N ILE A 485 -28.45 15.76 2.75
CA ILE A 485 -27.75 16.94 3.23
C ILE A 485 -27.60 16.79 4.74
N ILE A 486 -26.36 16.84 5.23
CA ILE A 486 -26.09 16.63 6.64
C ILE A 486 -25.43 17.88 7.23
N ARG A 487 -25.37 17.91 8.56
CA ARG A 487 -24.60 18.91 9.31
C ARG A 487 -24.01 18.20 10.52
N SER A 488 -22.71 17.93 10.48
CA SER A 488 -22.04 17.21 11.55
C SER A 488 -21.95 18.09 12.81
N CYS A 489 -21.96 17.44 13.97
CA CYS A 489 -21.95 18.16 15.24
C CYS A 489 -20.61 18.11 15.94
N THR A 490 -19.79 17.08 15.71
CA THR A 490 -18.52 16.96 16.40
C THR A 490 -17.54 16.20 15.52
N LYS A 491 -16.27 16.27 15.89
CA LYS A 491 -15.19 15.57 15.20
C LYS A 491 -14.38 14.83 16.26
N LEU A 492 -14.65 13.54 16.41
CA LEU A 492 -13.95 12.72 17.38
C LEU A 492 -12.61 12.24 16.81
N SER A 493 -11.85 11.54 17.64
CA SER A 493 -10.61 10.91 17.21
C SER A 493 -10.66 9.42 17.53
N TYR A 494 -9.54 8.73 17.28
CA TYR A 494 -9.42 7.35 17.70
C TYR A 494 -9.04 7.20 19.17
N GLU A 495 -8.75 8.30 19.85
CA GLU A 495 -8.37 8.28 21.26
C GLU A 495 -9.54 8.63 22.17
N HIS A 496 -10.38 9.59 21.78
CA HIS A 496 -11.56 9.91 22.57
C HIS A 496 -12.61 8.81 22.45
N ALA A 497 -12.75 8.21 21.27
CA ALA A 497 -13.72 7.15 21.05
C ALA A 497 -13.39 5.92 21.88
N GLN A 498 -12.10 5.60 22.02
CA GLN A 498 -11.69 4.53 22.92
C GLN A 498 -12.00 4.85 24.38
N SER A 499 -11.94 6.13 24.75
CA SER A 499 -12.30 6.53 26.11
C SER A 499 -13.78 6.30 26.38
N MET A 500 -14.65 6.68 25.44
CA MET A 500 -16.07 6.44 25.69
C MET A 500 -16.47 4.98 25.47
N ILE A 501 -15.69 4.20 24.73
CA ILE A 501 -15.93 2.75 24.68
C ILE A 501 -15.52 2.09 26.00
N GLU A 502 -14.34 2.45 26.52
CA GLU A 502 -13.82 1.82 27.72
C GLU A 502 -14.38 2.42 29.01
N SER A 503 -15.22 3.46 28.92
CA SER A 503 -16.01 3.95 30.06
C SER A 503 -17.48 3.81 29.72
N PRO A 504 -18.07 2.63 29.92
CA PRO A 504 -19.45 2.42 29.47
C PRO A 504 -20.49 3.07 30.36
N THR A 505 -20.23 3.18 31.66
CA THR A 505 -21.24 3.60 32.63
C THR A 505 -20.73 4.75 33.50
N GLU A 506 -20.08 5.73 32.88
CA GLU A 506 -19.56 6.87 33.61
C GLU A 506 -19.53 8.08 32.68
N LYS A 507 -20.01 9.21 33.18
CA LYS A 507 -20.00 10.45 32.39
C LYS A 507 -18.59 10.99 32.30
N ILE A 508 -18.03 10.99 31.09
CA ILE A 508 -16.72 11.58 30.84
C ILE A 508 -16.85 13.11 30.90
N PRO A 509 -15.99 13.79 31.65
CA PRO A 509 -16.06 15.26 31.70
C PRO A 509 -15.73 15.90 30.36
N ALA A 510 -16.25 17.11 30.15
CA ALA A 510 -16.12 17.81 28.88
C ALA A 510 -14.76 18.45 28.67
N LYS A 511 -13.85 18.36 29.65
CA LYS A 511 -12.54 19.00 29.49
C LYS A 511 -11.66 18.26 28.49
N GLU A 512 -11.80 16.94 28.39
CA GLU A 512 -11.00 16.13 27.48
C GLU A 512 -11.79 15.70 26.23
N LEU A 513 -12.80 16.47 25.84
CA LEU A 513 -13.63 16.16 24.70
C LEU A 513 -13.53 17.27 23.66
N PRO A 514 -13.65 16.96 22.37
CA PRO A 514 -13.63 18.00 21.33
C PRO A 514 -14.89 18.84 21.38
N PRO A 515 -14.86 20.06 20.83
CA PRO A 515 -16.07 20.90 20.84
C PRO A 515 -17.20 20.31 20.00
N ILE A 516 -18.42 20.56 20.45
CA ILE A 516 -19.62 19.96 19.88
C ILE A 516 -20.62 21.10 19.61
N SER A 517 -21.45 20.91 18.58
CA SER A 517 -22.50 21.86 18.28
C SER A 517 -23.51 21.90 19.44
N PRO A 518 -24.07 23.08 19.75
CA PRO A 518 -24.96 23.20 20.92
C PRO A 518 -26.32 22.53 20.74
N GLU A 519 -26.67 22.10 19.53
CA GLU A 519 -27.97 21.45 19.31
C GLU A 519 -28.02 20.07 19.94
N HIS A 520 -26.88 19.39 20.05
CA HIS A 520 -26.80 18.04 20.57
C HIS A 520 -25.91 17.99 21.80
N SER A 521 -25.99 16.88 22.52
CA SER A 521 -25.24 16.65 23.75
C SER A 521 -24.25 15.51 23.57
N SER A 522 -23.36 15.36 24.55
CA SER A 522 -22.37 14.30 24.52
C SER A 522 -22.96 12.93 24.88
N GLU A 523 -24.14 12.92 25.51
CA GLU A 523 -24.82 11.66 25.82
C GLU A 523 -25.21 10.92 24.55
N GLU A 524 -25.69 11.65 23.54
CA GLU A 524 -26.08 11.05 22.28
C GLU A 524 -24.90 10.41 21.57
N VAL A 525 -23.76 11.10 21.56
CA VAL A 525 -22.55 10.57 20.94
C VAL A 525 -22.03 9.35 21.72
N HIS A 526 -22.10 9.42 23.05
CA HIS A 526 -21.62 8.32 23.90
C HIS A 526 -22.43 7.05 23.68
N GLN A 527 -23.76 7.14 23.79
CA GLN A 527 -24.58 5.96 23.56
C GLN A 527 -24.58 5.52 22.10
N ALA A 528 -24.37 6.47 21.17
CA ALA A 528 -24.29 6.11 19.76
C ALA A 528 -23.06 5.26 19.47
N VAL A 529 -21.90 5.66 20.00
CA VAL A 529 -20.70 4.85 19.74
C VAL A 529 -20.74 3.55 20.54
N LEU A 530 -21.43 3.50 21.69
CA LEU A 530 -21.61 2.23 22.38
C LEU A 530 -22.47 1.26 21.57
N ASN A 531 -23.57 1.76 20.97
CA ASN A 531 -24.40 0.90 20.12
C ASN A 531 -23.66 0.46 18.86
N LEU A 532 -22.86 1.36 18.27
CA LEU A 532 -22.13 1.00 17.05
C LEU A 532 -21.04 -0.03 17.36
N HIS A 533 -20.38 0.08 18.52
CA HIS A 533 -19.42 -0.94 18.93
C HIS A 533 -20.12 -2.27 19.22
N GLY A 534 -21.32 -2.22 19.80
CA GLY A 534 -22.07 -3.43 20.07
C GLY A 534 -22.48 -4.18 18.81
N ILE A 535 -22.88 -3.45 17.76
CA ILE A 535 -23.18 -4.09 16.49
C ILE A 535 -21.90 -4.59 15.83
N ALA A 536 -20.82 -3.79 15.89
CA ALA A 536 -19.59 -4.12 15.18
C ALA A 536 -18.88 -5.34 15.75
N LYS A 537 -19.05 -5.60 17.06
CA LYS A 537 -18.49 -6.81 17.66
C LYS A 537 -19.11 -8.07 17.08
N GLN A 538 -20.45 -8.10 16.98
CA GLN A 538 -21.15 -9.25 16.40
C GLN A 538 -20.85 -9.37 14.91
N LEU A 539 -20.71 -8.24 14.20
CA LEU A 539 -20.32 -8.29 12.80
C LEU A 539 -18.93 -8.89 12.61
N ARG A 540 -17.99 -8.53 13.49
CA ARG A 540 -16.64 -9.12 13.46
C ARG A 540 -16.67 -10.62 13.72
N GLN A 541 -17.41 -11.05 14.75
CA GLN A 541 -17.48 -12.47 15.07
C GLN A 541 -18.13 -13.28 13.95
N GLN A 542 -19.20 -12.76 13.35
CA GLN A 542 -19.84 -13.46 12.25
C GLN A 542 -18.95 -13.50 11.01
N ARG A 543 -18.22 -12.42 10.74
CA ARG A 543 -17.34 -12.38 9.57
C ARG A 543 -16.18 -13.36 9.71
N PHE A 544 -15.64 -13.51 10.92
CA PHE A 544 -14.54 -14.45 11.09
C PHE A 544 -15.01 -15.89 11.28
N VAL A 545 -16.25 -16.12 11.71
CA VAL A 545 -16.82 -17.46 11.63
C VAL A 545 -17.03 -17.86 10.17
N ASP A 546 -17.47 -16.91 9.33
CA ASP A 546 -17.74 -17.20 7.93
C ASP A 546 -16.47 -17.53 7.14
N GLY A 547 -15.31 -17.07 7.58
CA GLY A 547 -14.08 -17.50 6.95
C GLY A 547 -13.18 -16.40 6.39
N ALA A 548 -13.27 -15.19 6.94
CA ALA A 548 -12.41 -14.11 6.50
C ALA A 548 -10.98 -14.32 6.99
N LEU A 549 -10.03 -13.89 6.16
CA LEU A 549 -8.60 -14.01 6.45
C LEU A 549 -8.01 -12.62 6.63
N ARG A 550 -7.11 -12.49 7.61
CA ARG A 550 -6.47 -11.20 7.91
C ARG A 550 -5.04 -11.45 8.35
N LEU A 551 -4.09 -11.13 7.49
CA LEU A 551 -2.66 -11.24 7.78
C LEU A 551 -2.12 -9.84 8.03
N ASP A 552 -2.07 -9.46 9.31
CA ASP A 552 -1.66 -8.11 9.70
C ASP A 552 -0.24 -8.16 10.26
N GLN A 553 0.70 -7.51 9.57
CA GLN A 553 2.06 -7.36 10.05
C GLN A 553 2.14 -6.10 10.91
N LEU A 554 3.37 -5.68 11.24
CA LEU A 554 3.60 -4.64 12.24
C LEU A 554 4.02 -3.36 11.54
N LYS A 555 3.38 -2.24 11.92
CA LYS A 555 3.66 -0.93 11.35
C LYS A 555 4.03 0.03 12.49
N LEU A 556 4.97 0.93 12.21
CA LEU A 556 5.49 1.87 13.21
C LEU A 556 5.25 3.30 12.75
N ALA A 557 5.16 4.21 13.72
CA ALA A 557 4.87 5.61 13.46
C ALA A 557 5.87 6.50 14.19
N PHE A 558 6.29 7.59 13.55
CA PHE A 558 7.35 8.44 14.05
C PHE A 558 6.80 9.71 14.68
N THR A 559 7.60 10.31 15.57
CA THR A 559 7.32 11.60 16.17
C THR A 559 8.39 12.59 15.70
N LEU A 560 7.95 13.72 15.16
CA LEU A 560 8.83 14.64 14.45
C LEU A 560 9.10 15.89 15.27
N ASP A 561 10.11 16.64 14.83
CA ASP A 561 10.44 17.92 15.43
C ASP A 561 9.76 19.05 14.66
N HIS A 562 9.23 20.03 15.41
CA HIS A 562 8.45 21.10 14.82
C HIS A 562 9.31 22.24 14.28
N GLU A 563 10.63 22.18 14.45
CA GLU A 563 11.51 23.24 13.97
C GLU A 563 12.55 22.77 12.95
N THR A 564 12.78 21.47 12.82
CA THR A 564 13.72 20.97 11.81
C THR A 564 13.21 19.78 11.03
N GLY A 565 12.11 19.14 11.44
CA GLY A 565 11.57 18.02 10.71
C GLY A 565 12.25 16.69 10.93
N LEU A 566 13.22 16.63 11.85
CA LEU A 566 13.91 15.38 12.12
C LEU A 566 13.06 14.50 13.04
N PRO A 567 13.15 13.18 12.90
CA PRO A 567 12.44 12.28 13.81
C PRO A 567 13.09 12.25 15.18
N GLN A 568 12.26 12.16 16.22
CA GLN A 568 12.72 12.02 17.60
C GLN A 568 12.67 10.57 18.07
N GLY A 569 11.57 9.89 17.81
CA GLY A 569 11.44 8.50 18.21
C GLY A 569 10.24 7.88 17.54
N CYS A 570 10.31 6.56 17.38
CA CYS A 570 9.24 5.81 16.76
C CYS A 570 8.53 4.96 17.80
N HIS A 571 7.23 4.80 17.59
CA HIS A 571 6.42 3.93 18.44
C HIS A 571 5.64 2.95 17.56
N ILE A 572 4.83 2.11 18.19
CA ILE A 572 4.18 1.00 17.52
C ILE A 572 2.72 1.38 17.29
N TYR A 573 2.29 1.34 16.03
CA TYR A 573 0.91 1.68 15.69
C TYR A 573 0.00 0.53 16.12
N GLU A 574 -0.88 0.81 17.08
CA GLU A 574 -1.74 -0.21 17.67
C GLU A 574 -3.12 -0.15 17.03
N TYR A 575 -3.66 -1.33 16.70
CA TYR A 575 -4.95 -1.44 16.04
C TYR A 575 -6.01 -1.66 17.11
N ARG A 576 -6.56 -0.56 17.60
CA ARG A 576 -7.54 -0.58 18.69
C ARG A 576 -8.93 -0.89 18.15
N GLU A 577 -9.95 -0.77 19.00
CA GLU A 577 -11.30 -1.18 18.63
C GLU A 577 -11.99 -0.16 17.75
N SER A 578 -11.61 1.11 17.86
CA SER A 578 -12.22 2.17 17.06
C SER A 578 -11.86 2.06 15.58
N ASN A 579 -10.74 1.42 15.27
CA ASN A 579 -10.41 1.14 13.87
C ASN A 579 -11.20 -0.02 13.30
N LYS A 580 -11.80 -0.85 14.15
CA LYS A 580 -12.66 -1.94 13.71
C LYS A 580 -14.11 -1.52 13.61
N LEU A 581 -14.54 -0.61 14.49
CA LEU A 581 -15.90 -0.10 14.50
C LEU A 581 -16.24 0.61 13.19
N VAL A 582 -15.31 1.42 12.66
CA VAL A 582 -15.51 2.07 11.38
C VAL A 582 -15.44 1.04 10.25
N GLU A 583 -14.50 0.09 10.36
CA GLU A 583 -14.17 -0.83 9.28
C GLU A 583 -15.33 -1.77 8.95
N GLU A 584 -16.05 -2.23 9.98
CA GLU A 584 -17.19 -3.13 9.76
C GLU A 584 -18.30 -2.45 8.96
N PHE A 585 -18.62 -1.21 9.30
CA PHE A 585 -19.69 -0.51 8.59
C PHE A 585 -19.25 -0.07 7.21
N MET A 586 -17.95 0.23 7.02
CA MET A 586 -17.47 0.55 5.68
C MET A 586 -17.51 -0.67 4.77
N LEU A 587 -17.19 -1.85 5.32
CA LEU A 587 -17.33 -3.09 4.55
C LEU A 587 -18.78 -3.39 4.23
N LEU A 588 -19.68 -3.10 5.16
CA LEU A 588 -21.12 -3.28 4.89
C LEU A 588 -21.61 -2.37 3.78
N ALA A 589 -21.18 -1.11 3.78
CA ALA A 589 -21.56 -0.15 2.73
C ALA A 589 -21.01 -0.57 1.37
N ASN A 590 -19.75 -1.00 1.31
CA ASN A 590 -19.17 -1.48 0.06
C ASN A 590 -19.88 -2.74 -0.45
N MET A 591 -20.24 -3.65 0.47
CA MET A 591 -20.92 -4.88 0.07
C MET A 591 -22.33 -4.60 -0.45
N ALA A 592 -23.00 -3.59 0.09
CA ALA A 592 -24.31 -3.21 -0.45
C ALA A 592 -24.18 -2.56 -1.83
N VAL A 593 -23.22 -1.63 -1.97
CA VAL A 593 -23.10 -0.87 -3.21
C VAL A 593 -22.64 -1.77 -4.37
N ALA A 594 -21.77 -2.75 -4.09
CA ALA A 594 -21.32 -3.67 -5.14
C ALA A 594 -22.47 -4.50 -5.70
N HIS A 595 -23.34 -5.01 -4.82
CA HIS A 595 -24.50 -5.78 -5.25
C HIS A 595 -25.48 -4.92 -6.05
N LYS A 596 -25.73 -3.69 -5.60
CA LYS A 596 -26.67 -2.82 -6.31
C LYS A 596 -26.16 -2.44 -7.70
N ILE A 597 -24.90 -2.00 -7.81
CA ILE A 597 -24.38 -1.62 -9.12
C ILE A 597 -24.05 -2.81 -10.00
N HIS A 598 -23.96 -4.03 -9.46
CA HIS A 598 -23.82 -5.17 -10.34
C HIS A 598 -25.17 -5.64 -10.87
N ARG A 599 -26.22 -5.57 -10.05
CA ARG A 599 -27.54 -5.95 -10.56
C ARG A 599 -28.16 -4.86 -11.42
N ALA A 600 -27.68 -3.63 -11.33
CA ALA A 600 -28.19 -2.57 -12.22
C ALA A 600 -27.59 -2.68 -13.61
N PHE A 601 -26.26 -2.54 -13.72
CA PHE A 601 -25.56 -2.63 -14.99
C PHE A 601 -24.64 -3.86 -14.96
N PRO A 602 -25.07 -4.99 -15.51
CA PRO A 602 -24.24 -6.21 -15.45
C PRO A 602 -23.04 -6.20 -16.38
N GLU A 603 -22.94 -5.25 -17.31
CA GLU A 603 -21.86 -5.23 -18.28
C GLU A 603 -20.91 -4.04 -18.13
N GLN A 604 -21.23 -3.08 -17.25
CA GLN A 604 -20.30 -1.98 -16.95
C GLN A 604 -20.39 -1.63 -15.46
N ALA A 605 -19.49 -2.22 -14.69
CA ALA A 605 -19.38 -1.97 -13.26
C ALA A 605 -17.94 -2.19 -12.84
N LEU A 606 -17.44 -1.33 -11.96
CA LEU A 606 -16.08 -1.42 -11.46
C LEU A 606 -16.07 -2.15 -10.13
N LEU A 607 -15.38 -3.29 -10.08
CA LEU A 607 -15.37 -4.13 -8.88
C LEU A 607 -13.94 -4.58 -8.58
N ARG A 608 -13.75 -5.13 -7.39
CA ARG A 608 -12.47 -5.71 -6.98
C ARG A 608 -12.51 -7.24 -7.02
N ARG A 609 -11.32 -7.82 -7.15
CA ARG A 609 -11.19 -9.27 -7.10
C ARG A 609 -9.81 -9.63 -6.57
N HIS A 610 -9.75 -10.69 -5.75
CA HIS A 610 -8.49 -11.21 -5.23
C HIS A 610 -8.32 -12.61 -5.76
N PRO A 611 -7.25 -12.90 -6.51
CA PRO A 611 -7.03 -14.27 -6.99
C PRO A 611 -6.64 -15.21 -5.85
N PRO A 612 -6.82 -16.51 -6.02
CA PRO A 612 -6.28 -17.44 -5.03
C PRO A 612 -4.77 -17.48 -5.09
N PRO A 613 -4.10 -17.83 -3.99
CA PRO A 613 -2.63 -17.81 -3.98
C PRO A 613 -2.03 -18.91 -4.85
N GLN A 614 -0.74 -18.74 -5.13
CA GLN A 614 -0.05 -19.60 -6.09
C GLN A 614 0.10 -21.02 -5.55
N THR A 615 -0.23 -21.99 -6.40
CA THR A 615 -0.24 -23.39 -5.99
C THR A 615 1.18 -23.94 -5.86
N ARG A 616 2.12 -23.40 -6.63
CA ARG A 616 3.50 -23.92 -6.66
C ARG A 616 4.22 -23.68 -5.34
N MET A 617 4.22 -22.45 -4.85
CA MET A 617 5.04 -22.09 -3.70
C MET A 617 4.24 -21.99 -2.40
N LEU A 618 2.93 -22.27 -2.43
CA LEU A 618 2.24 -22.63 -1.20
C LEU A 618 2.63 -24.04 -0.76
N SER A 619 2.98 -24.91 -1.72
CA SER A 619 3.42 -26.26 -1.39
C SER A 619 4.76 -26.24 -0.66
N ASP A 620 5.64 -25.30 -0.99
CA ASP A 620 6.90 -25.17 -0.26
C ASP A 620 6.67 -24.78 1.19
N LEU A 621 5.69 -23.91 1.44
CA LEU A 621 5.30 -23.59 2.82
C LEU A 621 4.65 -24.79 3.50
N VAL A 622 3.93 -25.62 2.74
CA VAL A 622 3.33 -26.84 3.29
C VAL A 622 4.41 -27.80 3.77
N GLU A 623 5.43 -28.04 2.93
CA GLU A 623 6.53 -28.92 3.36
C GLU A 623 7.43 -28.26 4.41
N PHE A 624 7.47 -26.93 4.48
CA PHE A 624 8.20 -26.30 5.58
C PHE A 624 7.48 -26.50 6.90
N CYS A 625 6.17 -26.28 6.92
CA CYS A 625 5.38 -26.41 8.14
C CYS A 625 5.04 -27.86 8.47
N ASP A 626 5.32 -28.80 7.56
CA ASP A 626 5.22 -30.22 7.89
C ASP A 626 6.24 -30.59 8.94
N GLN A 627 7.42 -29.98 8.89
CA GLN A 627 8.46 -30.12 9.90
C GLN A 627 8.19 -29.16 11.04
N MET A 628 9.15 -29.08 11.98
CA MET A 628 9.27 -28.04 13.01
C MET A 628 8.11 -28.01 14.02
N GLY A 629 7.23 -29.02 14.00
CA GLY A 629 6.13 -29.12 14.93
C GLY A 629 5.11 -27.99 14.88
N LEU A 630 4.65 -27.62 13.69
CA LEU A 630 3.68 -26.55 13.54
C LEU A 630 2.43 -27.09 12.86
N PRO A 631 1.29 -27.13 13.55
CA PRO A 631 0.03 -27.69 12.98
C PRO A 631 -0.83 -26.67 12.23
N VAL A 632 -0.45 -26.37 10.99
CA VAL A 632 -1.22 -25.44 10.17
C VAL A 632 -1.69 -26.15 8.91
N ASP A 633 -2.73 -25.59 8.29
CA ASP A 633 -3.31 -26.13 7.07
C ASP A 633 -3.64 -24.99 6.12
N PHE A 634 -3.38 -25.20 4.84
CA PHE A 634 -3.59 -24.19 3.81
C PHE A 634 -4.62 -24.63 2.77
N SER A 635 -5.62 -25.40 3.21
CA SER A 635 -6.66 -25.87 2.29
C SER A 635 -7.63 -24.75 1.90
N SER A 636 -7.85 -23.79 2.80
CA SER A 636 -8.74 -22.66 2.55
C SER A 636 -8.13 -21.42 3.20
N ALA A 637 -8.92 -20.36 3.29
CA ALA A 637 -8.50 -19.12 3.93
C ALA A 637 -9.00 -18.98 5.36
N GLY A 638 -10.26 -19.32 5.61
CA GLY A 638 -10.76 -19.34 6.97
C GLY A 638 -10.12 -20.42 7.81
N ALA A 639 -9.77 -21.55 7.20
CA ALA A 639 -8.99 -22.58 7.89
C ALA A 639 -7.61 -22.06 8.27
N LEU A 640 -6.97 -21.31 7.37
CA LEU A 640 -5.67 -20.70 7.66
C LEU A 640 -5.76 -19.69 8.80
N ASN A 641 -6.81 -18.86 8.79
CA ASN A 641 -6.99 -17.86 9.84
C ASN A 641 -7.28 -18.50 11.18
N LYS A 642 -8.15 -19.52 11.21
CA LYS A 642 -8.45 -20.22 12.45
C LYS A 642 -7.26 -21.01 12.96
N SER A 643 -6.41 -21.52 12.05
CA SER A 643 -5.19 -22.18 12.46
C SER A 643 -4.19 -21.21 13.08
N LEU A 644 -4.01 -20.05 12.46
CA LEU A 644 -3.08 -19.06 13.01
C LEU A 644 -3.60 -18.47 14.31
N THR A 645 -4.92 -18.42 14.50
CA THR A 645 -5.45 -17.98 15.79
C THR A 645 -5.28 -19.06 16.85
N GLN A 646 -5.79 -20.27 16.58
CA GLN A 646 -5.86 -21.33 17.59
C GLN A 646 -4.67 -22.28 17.51
N THR A 647 -3.43 -21.78 17.50
CA THR A 647 -2.29 -22.67 17.65
C THR A 647 -1.41 -22.20 18.80
N PHE A 648 -1.08 -20.90 18.80
CA PHE A 648 -0.31 -20.28 19.87
C PHE A 648 -0.79 -18.85 20.07
N GLY A 649 -0.55 -18.34 21.27
CA GLY A 649 -0.90 -16.96 21.58
C GLY A 649 -0.84 -16.72 23.07
N ASP A 650 -1.02 -15.44 23.42
CA ASP A 650 -1.09 -14.93 24.80
C ASP A 650 0.18 -15.28 25.59
N ASP A 651 1.30 -14.76 25.10
CA ASP A 651 2.62 -15.01 25.68
C ASP A 651 3.53 -13.86 25.26
N LYS A 652 4.84 -14.04 25.49
CA LYS A 652 5.84 -13.11 24.98
C LYS A 652 6.66 -13.71 23.85
N TYR A 653 6.75 -15.04 23.78
CA TYR A 653 7.41 -15.74 22.68
C TYR A 653 6.44 -16.16 21.60
N SER A 654 5.19 -16.41 21.96
CA SER A 654 4.19 -16.84 20.98
C SER A 654 3.78 -15.69 20.05
N LEU A 655 3.84 -14.44 20.52
CA LEU A 655 3.55 -13.33 19.63
C LEU A 655 4.66 -13.13 18.60
N ALA A 656 5.91 -13.38 19.00
CA ALA A 656 7.01 -13.35 18.04
C ALA A 656 6.92 -14.52 17.07
N ARG A 657 6.47 -15.68 17.55
CA ARG A 657 6.14 -16.82 16.70
C ARG A 657 5.08 -16.44 15.67
N LYS A 658 4.05 -15.72 16.12
CA LYS A 658 2.97 -15.27 15.24
C LYS A 658 3.48 -14.29 14.19
N GLU A 659 4.35 -13.37 14.59
CA GLU A 659 4.91 -12.40 13.65
C GLU A 659 5.78 -13.06 12.58
N VAL A 660 6.65 -14.00 12.99
CA VAL A 660 7.51 -14.67 12.02
C VAL A 660 6.69 -15.57 11.08
N LEU A 661 5.69 -16.26 11.62
CA LEU A 661 4.85 -17.11 10.77
C LEU A 661 3.96 -16.29 9.84
N THR A 662 3.47 -15.13 10.30
CA THR A 662 2.71 -14.24 9.43
C THR A 662 3.58 -13.67 8.32
N ASN A 663 4.83 -13.32 8.64
CA ASN A 663 5.77 -12.83 7.62
C ASN A 663 6.10 -13.90 6.59
N MET A 664 6.15 -15.18 7.00
CA MET A 664 6.31 -16.23 6.00
C MET A 664 5.02 -16.50 5.22
N CYS A 665 3.86 -16.39 5.88
CA CYS A 665 2.59 -16.74 5.25
C CYS A 665 2.13 -15.69 4.25
N SER A 666 2.55 -14.43 4.41
CA SER A 666 2.09 -13.37 3.53
C SER A 666 2.80 -13.34 2.18
N ARG A 667 3.79 -14.21 1.97
CA ARG A 667 4.58 -14.25 0.73
C ARG A 667 3.89 -14.89 -0.48
N PRO A 668 3.13 -15.99 -0.40
CA PRO A 668 2.49 -16.49 -1.62
C PRO A 668 1.20 -15.79 -2.02
N MET A 669 0.75 -14.80 -1.27
CA MET A 669 -0.52 -14.14 -1.59
C MET A 669 -0.37 -13.24 -2.80
N GLN A 670 -1.44 -13.16 -3.61
CA GLN A 670 -1.48 -12.29 -4.76
C GLN A 670 -1.97 -10.90 -4.35
N MET A 671 -2.11 -10.02 -5.34
CA MET A 671 -2.58 -8.65 -5.11
C MET A 671 -3.96 -8.46 -5.72
N ALA A 672 -4.79 -7.67 -5.05
CA ALA A 672 -6.14 -7.42 -5.50
C ALA A 672 -6.16 -6.51 -6.72
N LEU A 673 -7.19 -6.67 -7.55
CA LEU A 673 -7.30 -5.99 -8.84
C LEU A 673 -8.64 -5.31 -8.98
N TYR A 674 -8.63 -4.13 -9.59
CA TYR A 674 -9.84 -3.52 -10.11
C TYR A 674 -10.13 -4.10 -11.49
N PHE A 675 -11.42 -4.29 -11.79
CA PHE A 675 -11.80 -4.83 -13.09
C PHE A 675 -13.21 -4.38 -13.44
N CYS A 676 -13.54 -4.53 -14.71
CA CYS A 676 -14.87 -4.25 -15.24
C CYS A 676 -15.60 -5.56 -15.46
N SER A 677 -16.86 -5.63 -15.03
CA SER A 677 -17.61 -6.88 -15.04
C SER A 677 -18.02 -7.34 -16.43
N GLY A 678 -17.87 -6.51 -17.46
CA GLY A 678 -18.25 -6.87 -18.81
C GLY A 678 -17.17 -7.56 -19.62
N LEU A 679 -16.03 -7.91 -19.02
CA LEU A 679 -14.97 -8.60 -19.73
C LEU A 679 -14.67 -9.99 -19.18
N LEU A 680 -14.91 -10.24 -17.90
CA LEU A 680 -14.76 -11.59 -17.36
C LEU A 680 -16.03 -12.39 -17.63
N GLN A 681 -15.86 -13.64 -18.04
CA GLN A 681 -16.97 -14.43 -18.54
C GLN A 681 -17.69 -15.22 -17.44
N ASP A 682 -16.93 -15.83 -16.53
CA ASP A 682 -17.53 -16.66 -15.49
C ASP A 682 -17.56 -15.95 -14.15
N PRO A 683 -18.57 -16.21 -13.30
CA PRO A 683 -18.62 -15.56 -11.98
C PRO A 683 -17.69 -16.16 -10.95
N ALA A 684 -16.89 -17.17 -11.30
CA ALA A 684 -15.92 -17.71 -10.36
C ALA A 684 -14.77 -16.74 -10.12
N GLN A 685 -14.41 -15.95 -11.13
CA GLN A 685 -13.33 -14.97 -11.01
C GLN A 685 -13.79 -13.66 -10.39
N PHE A 686 -15.08 -13.52 -10.07
CA PHE A 686 -15.57 -12.33 -9.40
C PHE A 686 -15.33 -12.37 -7.89
N ARG A 687 -14.89 -13.51 -7.36
CA ARG A 687 -14.81 -13.70 -5.93
C ARG A 687 -13.62 -12.97 -5.33
N HIS A 688 -13.83 -12.41 -4.13
CA HIS A 688 -12.77 -11.80 -3.35
C HIS A 688 -12.33 -12.82 -2.31
N TYR A 689 -11.06 -13.24 -2.39
CA TYR A 689 -10.61 -14.42 -1.63
C TYR A 689 -10.49 -14.12 -0.14
N ALA A 690 -9.86 -13.00 0.21
CA ALA A 690 -9.47 -12.77 1.60
C ALA A 690 -10.66 -12.43 2.48
N LEU A 691 -11.62 -11.65 1.97
CA LEU A 691 -12.83 -11.38 2.73
C LEU A 691 -13.89 -12.45 2.55
N ASN A 692 -13.71 -13.35 1.59
CA ASN A 692 -14.61 -14.48 1.29
C ASN A 692 -16.03 -13.98 0.96
N VAL A 693 -16.10 -13.10 -0.03
CA VAL A 693 -17.37 -12.56 -0.50
C VAL A 693 -17.40 -12.72 -2.02
N PRO A 694 -18.58 -12.85 -2.64
CA PRO A 694 -18.62 -13.00 -4.10
C PRO A 694 -18.52 -11.69 -4.87
N LEU A 695 -18.74 -10.55 -4.22
CA LEU A 695 -18.71 -9.25 -4.89
C LEU A 695 -18.17 -8.20 -3.93
N TYR A 696 -17.31 -7.32 -4.45
CA TYR A 696 -16.74 -6.26 -3.64
C TYR A 696 -16.36 -5.09 -4.54
N THR A 697 -16.43 -3.89 -3.99
CA THR A 697 -16.00 -2.67 -4.68
C THR A 697 -15.59 -1.65 -3.63
N HIS A 698 -14.99 -0.55 -4.10
CA HIS A 698 -14.66 0.57 -3.24
C HIS A 698 -15.59 1.74 -3.53
N PHE A 699 -16.21 2.28 -2.48
CA PHE A 699 -17.21 3.33 -2.61
C PHE A 699 -17.05 4.47 -1.61
N THR A 700 -16.39 4.25 -0.47
CA THR A 700 -16.50 5.12 0.69
C THR A 700 -15.35 6.11 0.86
N SER A 701 -14.62 6.44 -0.21
CA SER A 701 -13.52 7.41 -0.13
C SER A 701 -13.29 8.04 -1.49
N PRO A 702 -14.16 8.97 -1.91
CA PRO A 702 -14.01 9.57 -3.24
C PRO A 702 -12.99 10.70 -3.31
N ILE A 703 -12.64 11.33 -2.18
CA ILE A 703 -11.59 12.36 -2.20
C ILE A 703 -10.23 11.72 -2.43
N ARG A 704 -10.00 10.52 -1.91
CA ARG A 704 -8.69 9.88 -2.02
C ARG A 704 -8.52 9.04 -3.28
N ARG A 705 -9.59 8.50 -3.84
CA ARG A 705 -9.50 7.64 -5.02
C ARG A 705 -10.49 8.08 -6.09
N PHE A 706 -10.16 7.79 -7.34
CA PHE A 706 -10.99 8.12 -8.49
C PHE A 706 -11.95 7.00 -8.87
N ALA A 707 -11.61 5.76 -8.49
CA ALA A 707 -12.52 4.64 -8.69
C ALA A 707 -13.81 4.82 -7.90
N ASP A 708 -13.73 5.48 -6.74
CA ASP A 708 -14.95 5.73 -5.98
C ASP A 708 -15.79 6.82 -6.61
N VAL A 709 -15.17 7.75 -7.35
CA VAL A 709 -15.92 8.72 -8.14
C VAL A 709 -16.63 8.03 -9.29
N LEU A 710 -15.97 7.06 -9.91
CA LEU A 710 -16.60 6.25 -10.96
C LEU A 710 -17.77 5.44 -10.42
N VAL A 711 -17.63 4.84 -9.23
CA VAL A 711 -18.72 4.10 -8.60
C VAL A 711 -19.85 5.04 -8.19
N HIS A 712 -19.52 6.27 -7.77
CA HIS A 712 -20.55 7.28 -7.49
C HIS A 712 -21.35 7.63 -8.73
N ARG A 713 -20.67 7.78 -9.88
CA ARG A 713 -21.36 8.03 -11.14
C ARG A 713 -22.25 6.87 -11.54
N LEU A 714 -21.75 5.64 -11.41
CA LEU A 714 -22.53 4.46 -11.76
C LEU A 714 -23.75 4.28 -10.87
N LEU A 715 -23.60 4.53 -9.56
CA LEU A 715 -24.73 4.38 -8.65
C LEU A 715 -25.74 5.51 -8.81
N ALA A 716 -25.28 6.72 -9.14
CA ALA A 716 -26.22 7.80 -9.44
C ALA A 716 -26.95 7.57 -10.75
N ALA A 717 -26.31 6.88 -11.71
CA ALA A 717 -27.03 6.46 -12.91
C ALA A 717 -28.01 5.35 -12.60
N ALA A 718 -27.66 4.46 -11.67
CA ALA A 718 -28.55 3.37 -11.30
C ALA A 718 -29.77 3.84 -10.52
N LEU A 719 -29.63 4.91 -9.74
CA LEU A 719 -30.74 5.41 -8.95
C LEU A 719 -31.68 6.32 -9.74
N GLY A 720 -31.36 6.61 -11.00
CA GLY A 720 -32.21 7.45 -11.81
C GLY A 720 -31.99 8.94 -11.67
N TYR A 721 -30.91 9.37 -11.04
CA TYR A 721 -30.62 10.79 -10.92
C TYR A 721 -30.02 11.37 -12.20
N ARG A 722 -29.53 10.54 -13.10
CA ARG A 722 -28.91 10.99 -14.33
C ARG A 722 -28.99 9.87 -15.36
N GLU A 723 -28.43 10.12 -16.54
CA GLU A 723 -28.45 9.14 -17.63
C GLU A 723 -27.29 8.16 -17.48
N ARG A 724 -27.39 7.06 -18.24
CA ARG A 724 -26.37 6.02 -18.25
C ARG A 724 -25.05 6.56 -18.81
N LEU A 725 -23.95 6.04 -18.27
CA LEU A 725 -22.61 6.37 -18.76
C LEU A 725 -22.47 5.99 -20.24
N ASP A 726 -21.84 6.89 -21.00
CA ASP A 726 -21.61 6.69 -22.43
C ASP A 726 -20.20 6.19 -22.72
N MET A 727 -19.63 5.40 -21.80
CA MET A 727 -18.28 4.89 -21.95
C MET A 727 -18.31 3.41 -22.28
N ALA A 728 -17.39 3.00 -23.16
CA ALA A 728 -17.30 1.61 -23.58
C ALA A 728 -16.77 0.75 -22.45
N PRO A 729 -16.99 -0.57 -22.51
CA PRO A 729 -16.37 -1.47 -21.51
C PRO A 729 -14.85 -1.58 -21.60
N ASP A 730 -14.21 -1.05 -22.65
CA ASP A 730 -12.76 -1.03 -22.72
C ASP A 730 -12.16 0.20 -22.05
N THR A 731 -12.89 1.32 -22.05
CA THR A 731 -12.43 2.53 -21.37
C THR A 731 -12.38 2.33 -19.87
N LEU A 732 -13.39 1.66 -19.31
CA LEU A 732 -13.40 1.34 -17.88
C LEU A 732 -12.28 0.38 -17.51
N GLN A 733 -11.99 -0.58 -18.39
CA GLN A 733 -10.89 -1.50 -18.16
C GLN A 733 -9.54 -0.80 -18.21
N LYS A 734 -9.39 0.16 -19.12
CA LYS A 734 -8.16 0.94 -19.20
C LYS A 734 -7.97 1.83 -17.98
N GLN A 735 -9.07 2.42 -17.47
CA GLN A 735 -8.98 3.26 -16.28
C GLN A 735 -8.66 2.44 -15.04
N ALA A 736 -9.24 1.23 -14.94
CA ALA A 736 -8.90 0.33 -13.84
C ALA A 736 -7.44 -0.13 -13.92
N ASP A 737 -6.96 -0.40 -15.14
CA ASP A 737 -5.56 -0.78 -15.33
C ASP A 737 -4.62 0.34 -14.94
N HIS A 738 -5.00 1.60 -15.19
CA HIS A 738 -4.19 2.73 -14.72
C HIS A 738 -4.21 2.84 -13.19
N CYS A 739 -5.39 2.66 -12.59
CA CYS A 739 -5.55 2.78 -11.14
C CYS A 739 -4.76 1.71 -10.39
N ASN A 740 -4.62 0.51 -10.98
CA ASN A 740 -3.89 -0.57 -10.33
C ASN A 740 -2.41 -0.23 -10.14
N ASP A 741 -1.75 0.24 -11.20
CA ASP A 741 -0.35 0.62 -11.10
C ASP A 741 -0.17 1.87 -10.27
N ARG A 742 -1.13 2.80 -10.29
CA ARG A 742 -1.04 3.97 -9.42
C ARG A 742 -1.07 3.58 -7.95
N ARG A 743 -1.92 2.62 -7.60
CA ARG A 743 -2.02 2.15 -6.23
C ARG A 743 -0.74 1.43 -5.80
N MET A 744 -0.20 0.59 -6.69
CA MET A 744 1.03 -0.15 -6.40
C MET A 744 2.22 0.79 -6.19
N ALA A 745 2.35 1.79 -7.06
CA ALA A 745 3.44 2.76 -6.92
C ALA A 745 3.29 3.60 -5.66
N SER A 746 2.04 3.95 -5.29
CA SER A 746 1.81 4.70 -4.07
C SER A 746 2.23 3.90 -2.82
N LYS A 747 1.89 2.61 -2.79
CA LYS A 747 2.28 1.76 -1.66
C LYS A 747 3.79 1.61 -1.56
N ARG A 748 4.46 1.47 -2.72
CA ARG A 748 5.92 1.37 -2.71
C ARG A 748 6.57 2.66 -2.21
N VAL A 749 5.98 3.81 -2.55
CA VAL A 749 6.50 5.10 -2.11
C VAL A 749 6.36 5.27 -0.59
N GLN A 750 5.21 4.87 -0.02
CA GLN A 750 5.09 4.95 1.45
C GLN A 750 6.03 3.99 2.16
N GLU A 751 6.28 2.81 1.58
CA GLU A 751 7.23 1.88 2.17
C GLU A 751 8.64 2.46 2.21
N LEU A 752 9.08 3.08 1.10
CA LEU A 752 10.41 3.68 1.09
C LEU A 752 10.50 4.92 1.97
N SER A 753 9.39 5.67 2.13
CA SER A 753 9.40 6.81 3.06
C SER A 753 9.58 6.34 4.50
N THR A 754 8.90 5.25 4.87
CA THR A 754 9.06 4.68 6.22
C THR A 754 10.49 4.18 6.44
N SER A 755 11.06 3.52 5.42
CA SER A 755 12.45 3.04 5.53
C SER A 755 13.44 4.20 5.66
N LEU A 756 13.24 5.27 4.89
CA LEU A 756 14.09 6.46 4.96
C LEU A 756 14.06 7.09 6.34
N PHE A 757 12.86 7.27 6.90
CA PHE A 757 12.77 7.93 8.20
C PHE A 757 13.31 7.05 9.32
N PHE A 758 13.16 5.73 9.20
CA PHE A 758 13.77 4.84 10.19
C PHE A 758 15.29 4.87 10.13
N ALA A 759 15.86 4.94 8.91
CA ALA A 759 17.31 5.03 8.77
C ALA A 759 17.84 6.34 9.35
N VAL A 760 17.11 7.43 9.13
CA VAL A 760 17.51 8.73 9.70
C VAL A 760 17.44 8.69 11.23
N LEU A 761 16.40 8.05 11.79
CA LEU A 761 16.29 7.93 13.24
C LEU A 761 17.41 7.06 13.82
N VAL A 762 17.79 5.98 13.13
CA VAL A 762 18.87 5.13 13.58
C VAL A 762 20.20 5.89 13.57
N LYS A 763 20.44 6.69 12.52
CA LYS A 763 21.69 7.45 12.46
C LYS A 763 21.75 8.56 13.50
N GLU A 764 20.62 9.23 13.77
CA GLU A 764 20.60 10.33 14.73
C GLU A 764 20.15 9.91 16.12
N SER A 765 20.07 8.61 16.43
CA SER A 765 19.71 8.19 17.77
C SER A 765 20.67 7.15 18.33
N GLY A 766 21.87 7.02 17.75
CA GLY A 766 22.87 6.11 18.25
C GLY A 766 22.52 4.66 18.00
N PRO A 767 23.22 3.75 18.67
CA PRO A 767 22.83 2.33 18.60
C PRO A 767 21.53 2.08 19.33
N LEU A 768 20.70 1.19 18.76
CA LEU A 768 19.40 0.86 19.31
C LEU A 768 19.39 -0.60 19.73
N GLU A 769 18.98 -0.86 20.96
CA GLU A 769 19.03 -2.20 21.54
C GLU A 769 17.64 -2.83 21.49
N SER A 770 17.57 -4.05 20.96
CA SER A 770 16.29 -4.74 20.84
C SER A 770 16.52 -6.25 20.87
N GLU A 771 15.42 -7.00 20.78
CA GLU A 771 15.44 -8.44 20.66
C GLU A 771 15.08 -8.83 19.24
N ALA A 772 15.40 -10.07 18.88
CA ALA A 772 15.21 -10.53 17.52
C ALA A 772 14.98 -12.02 17.49
N MET A 773 14.36 -12.49 16.41
CA MET A 773 14.10 -13.90 16.19
C MET A 773 14.64 -14.34 14.84
N VAL A 774 15.38 -15.45 14.84
CA VAL A 774 16.00 -15.96 13.63
C VAL A 774 14.96 -16.65 12.76
N MET A 775 14.86 -16.24 11.50
CA MET A 775 13.92 -16.83 10.56
C MET A 775 14.60 -17.45 9.35
N GLY A 776 15.93 -17.54 9.36
CA GLY A 776 16.65 -18.13 8.24
C GLY A 776 18.14 -18.22 8.50
N ILE A 777 18.75 -19.37 8.21
CA ILE A 777 20.16 -19.62 8.43
C ILE A 777 20.82 -19.94 7.10
N LEU A 778 21.88 -19.21 6.78
CA LEU A 778 22.75 -19.52 5.66
C LEU A 778 24.07 -20.07 6.19
N LYS A 779 25.03 -20.27 5.28
CA LYS A 779 26.31 -20.85 5.67
C LYS A 779 27.13 -19.89 6.53
N GLN A 780 27.27 -18.64 6.09
CA GLN A 780 28.09 -17.66 6.79
C GLN A 780 27.29 -16.49 7.34
N ALA A 781 25.96 -16.57 7.35
CA ALA A 781 25.12 -15.47 7.82
C ALA A 781 23.77 -16.04 8.25
N PHE A 782 23.02 -15.23 8.99
CA PHE A 782 21.66 -15.61 9.36
C PHE A 782 20.79 -14.37 9.47
N ASP A 783 19.52 -14.54 9.15
CA ASP A 783 18.56 -13.44 9.08
C ASP A 783 17.75 -13.38 10.36
N VAL A 784 17.64 -12.18 10.93
CA VAL A 784 16.82 -11.95 12.11
C VAL A 784 15.69 -11.00 11.74
N LEU A 785 14.69 -10.93 12.61
CA LEU A 785 13.59 -9.98 12.48
C LEU A 785 13.51 -9.23 13.81
N VAL A 786 13.75 -7.92 13.76
CA VAL A 786 13.79 -7.10 14.97
C VAL A 786 12.38 -6.94 15.52
N LEU A 787 12.17 -7.40 16.75
CA LEU A 787 10.82 -7.48 17.31
C LEU A 787 10.29 -6.11 17.73
N ARG A 788 11.16 -5.23 18.21
CA ARG A 788 10.71 -3.96 18.76
C ARG A 788 10.31 -2.97 17.66
N TYR A 789 10.93 -3.07 16.48
CA TYR A 789 10.68 -2.13 15.39
C TYR A 789 9.99 -2.78 14.21
N GLY A 790 10.52 -3.87 13.67
CA GLY A 790 9.83 -4.59 12.63
C GLY A 790 10.59 -4.74 11.32
N VAL A 791 11.91 -4.61 11.36
CA VAL A 791 12.73 -4.73 10.17
C VAL A 791 13.44 -6.07 10.17
N GLN A 792 13.92 -6.48 9.01
CA GLN A 792 14.58 -7.77 8.82
C GLN A 792 16.01 -7.53 8.35
N LYS A 793 16.95 -7.52 9.29
CA LYS A 793 18.36 -7.37 8.99
C LYS A 793 19.05 -8.72 8.89
N ARG A 794 20.30 -8.69 8.43
CA ARG A 794 21.13 -9.88 8.30
C ARG A 794 22.35 -9.72 9.18
N ILE A 795 22.80 -10.83 9.78
CA ILE A 795 23.96 -10.84 10.66
C ILE A 795 24.98 -11.79 10.08
N TYR A 796 26.20 -11.30 9.89
CA TYR A 796 27.28 -12.06 9.29
C TYR A 796 28.30 -12.43 10.36
N CYS A 797 28.95 -13.59 10.17
CA CYS A 797 29.98 -14.03 11.10
C CYS A 797 31.29 -13.27 10.94
N ASN A 798 31.47 -12.52 9.86
CA ASN A 798 32.67 -11.70 9.71
C ASN A 798 32.68 -10.52 10.67
N ALA A 799 31.51 -10.02 11.04
CA ALA A 799 31.41 -8.93 12.01
C ALA A 799 31.39 -9.43 13.45
N LEU A 800 31.35 -10.74 13.66
CA LEU A 800 31.36 -11.31 15.00
C LEU A 800 32.79 -11.62 15.43
N ALA A 801 33.02 -11.56 16.74
CA ALA A 801 34.31 -11.90 17.33
C ALA A 801 34.22 -13.32 17.90
N LEU A 802 34.37 -14.30 17.02
CA LEU A 802 34.26 -15.70 17.39
C LEU A 802 35.59 -16.40 17.22
N ARG A 803 35.78 -17.47 17.99
CA ARG A 803 36.87 -18.39 17.70
C ARG A 803 36.57 -19.23 16.45
N SER A 804 35.34 -19.73 16.34
CA SER A 804 34.97 -20.56 15.20
C SER A 804 33.46 -20.56 15.02
N HIS A 805 33.02 -21.14 13.90
CA HIS A 805 31.60 -21.31 13.63
C HIS A 805 31.43 -22.54 12.74
N HIS A 806 30.39 -23.33 13.02
CA HIS A 806 30.12 -24.54 12.25
C HIS A 806 28.65 -24.59 11.87
N PHE A 807 28.40 -25.04 10.64
CA PHE A 807 27.05 -25.17 10.08
C PHE A 807 26.70 -26.64 9.96
N GLN A 808 25.51 -27.00 10.43
CA GLN A 808 25.03 -28.37 10.38
C GLN A 808 23.56 -28.36 9.96
N LYS A 809 23.11 -29.48 9.40
CA LYS A 809 21.69 -29.68 9.18
C LYS A 809 21.36 -31.16 9.34
N VAL A 810 20.25 -31.43 10.02
CA VAL A 810 19.75 -32.79 10.20
C VAL A 810 18.23 -32.77 10.09
N GLY A 811 17.69 -33.61 9.22
CA GLY A 811 16.26 -33.62 8.94
C GLY A 811 15.75 -32.36 8.27
N LYS A 812 16.60 -31.73 7.44
CA LYS A 812 16.36 -30.44 6.79
C LYS A 812 16.02 -29.35 7.82
N LYS A 813 16.74 -29.37 8.94
CA LYS A 813 16.62 -28.35 9.97
C LYS A 813 17.98 -27.71 10.19
N PRO A 814 18.13 -26.41 9.95
CA PRO A 814 19.45 -25.77 10.03
C PRO A 814 19.94 -25.65 11.47
N GLU A 815 21.26 -25.48 11.59
CA GLU A 815 21.92 -25.48 12.88
C GLU A 815 23.22 -24.69 12.75
N LEU A 816 23.42 -23.72 13.63
CA LEU A 816 24.64 -22.91 13.64
C LEU A 816 25.22 -22.94 15.04
N THR A 817 26.47 -23.39 15.16
CA THR A 817 27.18 -23.41 16.42
C THR A 817 28.29 -22.39 16.38
N LEU A 818 28.28 -21.46 17.33
CA LEU A 818 29.27 -20.38 17.40
C LEU A 818 30.15 -20.57 18.62
N VAL A 819 31.46 -20.58 18.41
CA VAL A 819 32.44 -20.66 19.49
C VAL A 819 33.08 -19.29 19.61
N TRP A 820 32.76 -18.59 20.70
CA TRP A 820 33.18 -17.21 20.90
C TRP A 820 34.61 -17.13 21.40
N GLU A 821 35.15 -15.92 21.42
CA GLU A 821 36.50 -15.66 21.90
C GLU A 821 36.44 -15.15 23.33
N PRO A 822 37.02 -15.85 24.29
CA PRO A 822 36.96 -15.38 25.68
C PRO A 822 37.89 -14.21 25.92
N GLU A 823 37.56 -13.42 26.95
CA GLU A 823 38.39 -12.27 27.30
C GLU A 823 39.67 -12.68 28.01
N ASP A 824 39.72 -13.89 28.58
CA ASP A 824 40.93 -14.44 29.15
C ASP A 824 41.12 -15.88 28.70
N MET A 825 42.38 -16.31 28.66
CA MET A 825 42.72 -17.62 28.13
C MET A 825 42.75 -18.72 29.19
N GLU A 826 42.42 -18.39 30.44
CA GLU A 826 42.35 -19.37 31.52
C GLU A 826 40.94 -19.85 31.77
N GLN A 827 40.11 -19.91 30.72
CA GLN A 827 38.70 -20.23 30.86
C GLN A 827 38.22 -20.81 29.55
N GLU A 828 37.37 -21.84 29.64
CA GLU A 828 36.84 -22.51 28.45
C GLU A 828 35.92 -21.56 27.69
N PRO A 829 36.06 -21.44 26.36
CA PRO A 829 35.21 -20.52 25.60
C PRO A 829 33.75 -20.97 25.58
N ALA A 830 32.87 -19.97 25.50
CA ALA A 830 31.43 -20.23 25.55
C ALA A 830 30.94 -20.74 24.20
N GLN A 831 29.69 -21.21 24.19
CA GLN A 831 29.05 -21.73 23.00
C GLN A 831 27.73 -21.01 22.78
N GLN A 832 27.35 -20.89 21.51
CA GLN A 832 26.08 -20.29 21.14
C GLN A 832 25.39 -21.19 20.12
N VAL A 833 24.10 -21.43 20.34
CA VAL A 833 23.27 -22.30 19.50
C VAL A 833 22.27 -21.44 18.76
N ILE A 834 22.26 -21.53 17.44
CA ILE A 834 21.36 -20.74 16.60
C ILE A 834 20.55 -21.72 15.74
N THR A 835 19.25 -21.71 15.94
CA THR A 835 18.31 -22.47 15.12
C THR A 835 17.12 -21.57 14.83
N ILE A 836 16.16 -22.10 14.07
CA ILE A 836 15.01 -21.30 13.65
C ILE A 836 14.11 -21.04 14.84
N PHE A 837 13.54 -19.84 14.90
CA PHE A 837 12.76 -19.29 16.03
C PHE A 837 13.57 -19.33 17.33
N SER A 838 14.72 -18.66 17.30
CA SER A 838 15.56 -18.48 18.49
C SER A 838 15.60 -17.00 18.85
N LEU A 839 15.49 -16.71 20.15
CA LEU A 839 15.45 -15.34 20.64
C LEU A 839 16.87 -14.87 20.96
N VAL A 840 17.31 -13.82 20.28
CA VAL A 840 18.62 -13.22 20.51
C VAL A 840 18.43 -11.74 20.83
N GLU A 841 19.52 -11.10 21.23
CA GLU A 841 19.55 -9.66 21.51
C GLU A 841 20.52 -8.99 20.56
N VAL A 842 20.07 -7.91 19.92
CA VAL A 842 20.85 -7.24 18.88
C VAL A 842 20.89 -5.74 19.16
N VAL A 843 21.87 -5.08 18.56
CA VAL A 843 21.97 -3.63 18.57
C VAL A 843 22.22 -3.14 17.15
N LEU A 844 21.56 -2.06 16.79
CA LEU A 844 21.65 -1.45 15.46
C LEU A 844 22.54 -0.21 15.55
N GLN A 845 23.54 -0.15 14.67
CA GLN A 845 24.53 0.92 14.69
C GLN A 845 24.75 1.45 13.29
N ALA A 846 24.72 2.76 13.13
CA ALA A 846 24.96 3.38 11.84
C ALA A 846 26.43 3.31 11.47
N GLU A 847 26.70 3.38 10.17
CA GLU A 847 28.05 3.27 9.65
C GLU A 847 28.41 4.54 8.85
N SER A 848 29.57 4.50 8.19
CA SER A 848 30.10 5.67 7.50
C SER A 848 29.28 6.06 6.28
N THR A 849 28.51 5.14 5.71
CA THR A 849 27.60 5.47 4.63
C THR A 849 26.45 6.32 5.19
N ALA A 850 25.89 7.19 4.34
CA ALA A 850 24.94 8.19 4.79
C ALA A 850 23.62 7.58 5.26
N LEU A 851 23.11 6.57 4.55
CA LEU A 851 21.79 6.02 4.83
C LEU A 851 21.86 4.52 5.13
N LYS A 852 22.97 4.04 5.67
CA LYS A 852 23.16 2.63 5.95
C LYS A 852 23.47 2.41 7.42
N TYR A 853 23.01 1.27 7.94
CA TYR A 853 23.34 0.82 9.28
C TYR A 853 23.55 -0.68 9.26
N SER A 854 23.91 -1.23 10.41
CA SER A 854 24.14 -2.65 10.53
C SER A 854 23.58 -3.14 11.86
N ALA A 855 23.26 -4.44 11.90
CA ALA A 855 22.81 -5.11 13.11
C ALA A 855 23.91 -6.03 13.59
N ILE A 856 24.27 -5.92 14.87
CA ILE A 856 25.35 -6.69 15.44
C ILE A 856 24.90 -7.28 16.77
N LEU A 857 25.31 -8.51 17.04
CA LEU A 857 24.91 -9.22 18.26
C LEU A 857 25.54 -8.57 19.49
N LYS A 858 24.81 -8.64 20.61
CA LYS A 858 25.29 -8.08 21.87
C LYS A 858 25.48 -9.19 22.90
#